data_1D8X
# 
_entry.id   1D8X 
# 
_audit_conform.dict_name       mmcif_pdbx.dic 
_audit_conform.dict_version    5.386 
_audit_conform.dict_location   http://mmcif.pdb.org/dictionaries/ascii/mmcif_pdbx.dic 
# 
loop_
_database_2.database_id 
_database_2.database_code 
_database_2.pdbx_database_accession 
_database_2.pdbx_DOI 
PDB   1D8X         pdb_00001d8x 10.2210/pdb1d8x/pdb 
NDB   BD0024       ?            ?                   
RCSB  RCSB009901   ?            ?                   
WWPDB D_1000009901 ?            ?                   
# 
loop_
_pdbx_audit_revision_history.ordinal 
_pdbx_audit_revision_history.data_content_type 
_pdbx_audit_revision_history.major_revision 
_pdbx_audit_revision_history.minor_revision 
_pdbx_audit_revision_history.revision_date 
1 'Structure model' 1 0 1999-11-05 
2 'Structure model' 1 1 2008-04-27 
3 'Structure model' 1 2 2011-07-13 
4 'Structure model' 1 3 2017-10-04 
5 'Structure model' 1 4 2024-02-07 
# 
_pdbx_audit_revision_details.ordinal             1 
_pdbx_audit_revision_details.revision_ordinal    1 
_pdbx_audit_revision_details.data_content_type   'Structure model' 
_pdbx_audit_revision_details.provider            repository 
_pdbx_audit_revision_details.type                'Initial release' 
_pdbx_audit_revision_details.description         ? 
_pdbx_audit_revision_details.details             ? 
# 
loop_
_pdbx_audit_revision_group.ordinal 
_pdbx_audit_revision_group.revision_ordinal 
_pdbx_audit_revision_group.data_content_type 
_pdbx_audit_revision_group.group 
1 2 'Structure model' 'Version format compliance' 
2 3 'Structure model' 'Version format compliance' 
3 4 'Structure model' 'Refinement description'    
4 5 'Structure model' 'Data collection'           
5 5 'Structure model' 'Database references'       
6 5 'Structure model' 'Derived calculations'      
# 
loop_
_pdbx_audit_revision_category.ordinal 
_pdbx_audit_revision_category.revision_ordinal 
_pdbx_audit_revision_category.data_content_type 
_pdbx_audit_revision_category.category 
1 4 'Structure model' software               
2 5 'Structure model' chem_comp_atom         
3 5 'Structure model' chem_comp_bond         
4 5 'Structure model' database_2             
5 5 'Structure model' pdbx_struct_conn_angle 
6 5 'Structure model' struct_conn            
7 5 'Structure model' struct_site            
# 
loop_
_pdbx_audit_revision_item.ordinal 
_pdbx_audit_revision_item.revision_ordinal 
_pdbx_audit_revision_item.data_content_type 
_pdbx_audit_revision_item.item 
1  5 'Structure model' '_database_2.pdbx_DOI'                        
2  5 'Structure model' '_database_2.pdbx_database_accession'         
3  5 'Structure model' '_pdbx_struct_conn_angle.ptnr1_auth_comp_id'  
4  5 'Structure model' '_pdbx_struct_conn_angle.ptnr1_auth_seq_id'   
5  5 'Structure model' '_pdbx_struct_conn_angle.ptnr1_label_asym_id' 
6  5 'Structure model' '_pdbx_struct_conn_angle.ptnr1_label_atom_id' 
7  5 'Structure model' '_pdbx_struct_conn_angle.ptnr1_label_comp_id' 
8  5 'Structure model' '_pdbx_struct_conn_angle.ptnr1_label_seq_id'  
9  5 'Structure model' '_pdbx_struct_conn_angle.ptnr3_auth_comp_id'  
10 5 'Structure model' '_pdbx_struct_conn_angle.ptnr3_auth_seq_id'   
11 5 'Structure model' '_pdbx_struct_conn_angle.ptnr3_label_asym_id' 
12 5 'Structure model' '_pdbx_struct_conn_angle.ptnr3_label_atom_id' 
13 5 'Structure model' '_pdbx_struct_conn_angle.ptnr3_label_comp_id' 
14 5 'Structure model' '_pdbx_struct_conn_angle.ptnr3_label_seq_id'  
15 5 'Structure model' '_pdbx_struct_conn_angle.value'               
16 5 'Structure model' '_struct_conn.pdbx_dist_value'                
17 5 'Structure model' '_struct_conn.ptnr1_auth_comp_id'             
18 5 'Structure model' '_struct_conn.ptnr1_auth_seq_id'              
19 5 'Structure model' '_struct_conn.ptnr1_label_asym_id'            
20 5 'Structure model' '_struct_conn.ptnr1_label_atom_id'            
21 5 'Structure model' '_struct_conn.ptnr1_label_comp_id'            
22 5 'Structure model' '_struct_conn.ptnr1_label_seq_id'             
23 5 'Structure model' '_struct_conn.ptnr2_auth_comp_id'             
24 5 'Structure model' '_struct_conn.ptnr2_auth_seq_id'              
25 5 'Structure model' '_struct_conn.ptnr2_label_asym_id'            
26 5 'Structure model' '_struct_conn.ptnr2_label_atom_id'            
27 5 'Structure model' '_struct_conn.ptnr2_label_comp_id'            
28 5 'Structure model' '_struct_conn.ptnr2_label_seq_id'             
29 5 'Structure model' '_struct_site.pdbx_auth_asym_id'              
30 5 'Structure model' '_struct_site.pdbx_auth_comp_id'              
31 5 'Structure model' '_struct_site.pdbx_auth_seq_id'               
# 
_pdbx_database_status.status_code                     REL 
_pdbx_database_status.entry_id                        1D8X 
_pdbx_database_status.recvd_initial_deposition_date   1999-10-26 
_pdbx_database_status.deposit_site                    RCSB 
_pdbx_database_status.process_site                    RCSB 
_pdbx_database_status.status_code_sf                  REL 
_pdbx_database_status.SG_entry                        . 
_pdbx_database_status.pdb_format_compatible           Y 
_pdbx_database_status.status_code_mr                  ? 
_pdbx_database_status.status_code_cs                  ? 
_pdbx_database_status.methods_development_category    ? 
_pdbx_database_status.status_code_nmr_data            ? 
# 
_pdbx_database_related.db_name        NDB 
_pdbx_database_related.db_id          BD0025 
_pdbx_database_related.details        'CRYSTAL STRUCTURE OF DNA SHEARED TANDEM G-A BASE PAIRS' 
_pdbx_database_related.content_type   unspecified 
# 
loop_
_audit_author.name 
_audit_author.pdbx_ordinal 
'Gao, Y.-G.'     1 
'Robinson, H.'   2 
'Sanishvili, R.' 3 
'Joachimiak, A.' 4 
'Wang, A.H.-J.'  5 
# 
_citation.id                        primary 
_citation.title                     
'Structure and recognition of sheared tandem G x A base pairs associated with human centromere DNA sequence at atomic resolution.' 
_citation.journal_abbrev            Biochemistry 
_citation.journal_volume            38 
_citation.page_first                16452 
_citation.page_last                 16460 
_citation.year                      1999 
_citation.journal_id_ASTM           BICHAW 
_citation.country                   US 
_citation.journal_id_ISSN           0006-2960 
_citation.journal_id_CSD            0033 
_citation.book_publisher            ? 
_citation.pdbx_database_id_PubMed   10600106 
_citation.pdbx_database_id_DOI      10.1021/bi9914614 
# 
loop_
_citation_author.citation_id 
_citation_author.name 
_citation_author.ordinal 
_citation_author.identifier_ORCID 
primary 'Gao, Y.G.'      1 ? 
primary 'Robinson, H.'   2 ? 
primary 'Sanishvili, R.' 3 ? 
primary 'Joachimiak, A.' 4 ? 
primary 'Wang, A.H.'     5 ? 
# 
loop_
_entity.id 
_entity.type 
_entity.src_method 
_entity.pdbx_description 
_entity.formula_weight 
_entity.pdbx_number_of_molecules 
_entity.pdbx_ec 
_entity.pdbx_mutation 
_entity.pdbx_fragment 
_entity.details 
1 polymer     syn "5'-D(*CP*CP*GP*AP*AP*TP*GP*AP*GP*G)-3'" 3094.042 2   ? ? ? ? 
2 non-polymer syn 'MAGNESIUM ION'                          24.305   2   ? ? ? ? 
3 non-polymer syn 'COBALT HEXAMMINE(III)'                  161.116  1   ? ? ? ? 
4 water       nat water                                    18.015   138 ? ? ? ? 
# 
_entity_poly.entity_id                      1 
_entity_poly.type                           polydeoxyribonucleotide 
_entity_poly.nstd_linkage                   no 
_entity_poly.nstd_monomer                   no 
_entity_poly.pdbx_seq_one_letter_code       '(DC)(DC)(DG)(DA)(DA)(DT)(DG)(DA)(DG)(DG)' 
_entity_poly.pdbx_seq_one_letter_code_can   CCGAATGAGG 
_entity_poly.pdbx_strand_id                 A,B 
_entity_poly.pdbx_target_identifier         ? 
# 
loop_
_pdbx_entity_nonpoly.entity_id 
_pdbx_entity_nonpoly.name 
_pdbx_entity_nonpoly.comp_id 
2 'MAGNESIUM ION'         MG  
3 'COBALT HEXAMMINE(III)' NCO 
4 water                   HOH 
# 
loop_
_entity_poly_seq.entity_id 
_entity_poly_seq.num 
_entity_poly_seq.mon_id 
_entity_poly_seq.hetero 
1 1  DC n 
1 2  DC n 
1 3  DG n 
1 4  DA n 
1 5  DA n 
1 6  DT n 
1 7  DG n 
1 8  DA n 
1 9  DG n 
1 10 DG n 
# 
loop_
_chem_comp.id 
_chem_comp.type 
_chem_comp.mon_nstd_flag 
_chem_comp.name 
_chem_comp.pdbx_synonyms 
_chem_comp.formula 
_chem_comp.formula_weight 
DA  'DNA linking' y "2'-DEOXYADENOSINE-5'-MONOPHOSPHATE" ? 'C10 H14 N5 O6 P' 331.222 
DC  'DNA linking' y "2'-DEOXYCYTIDINE-5'-MONOPHOSPHATE"  ? 'C9 H14 N3 O7 P'  307.197 
DG  'DNA linking' y "2'-DEOXYGUANOSINE-5'-MONOPHOSPHATE" ? 'C10 H14 N5 O7 P' 347.221 
DT  'DNA linking' y "THYMIDINE-5'-MONOPHOSPHATE"         ? 'C10 H15 N2 O8 P' 322.208 
HOH non-polymer   . WATER                                ? 'H2 O'            18.015  
MG  non-polymer   . 'MAGNESIUM ION'                      ? 'Mg 2'            24.305  
NCO non-polymer   . 'COBALT HEXAMMINE(III)'              ? 'Co H18 N6 3'     161.116 
# 
loop_
_pdbx_poly_seq_scheme.asym_id 
_pdbx_poly_seq_scheme.entity_id 
_pdbx_poly_seq_scheme.seq_id 
_pdbx_poly_seq_scheme.mon_id 
_pdbx_poly_seq_scheme.ndb_seq_num 
_pdbx_poly_seq_scheme.pdb_seq_num 
_pdbx_poly_seq_scheme.auth_seq_num 
_pdbx_poly_seq_scheme.pdb_mon_id 
_pdbx_poly_seq_scheme.auth_mon_id 
_pdbx_poly_seq_scheme.pdb_strand_id 
_pdbx_poly_seq_scheme.pdb_ins_code 
_pdbx_poly_seq_scheme.hetero 
A 1 1  DC 1  1  1  DC C A . n 
A 1 2  DC 2  2  2  DC C A . n 
A 1 3  DG 3  3  3  DG G A . n 
A 1 4  DA 4  4  4  DA A A . n 
A 1 5  DA 5  5  5  DA A A . n 
A 1 6  DT 6  6  6  DT T A . n 
A 1 7  DG 7  7  7  DG G A . n 
A 1 8  DA 8  8  8  DA A A . n 
A 1 9  DG 9  9  9  DG G A . n 
A 1 10 DG 10 10 10 DG G A . n 
B 1 1  DC 1  11 11 DC C B . n 
B 1 2  DC 2  12 12 DC C B . n 
B 1 3  DG 3  13 13 DG G B . n 
B 1 4  DA 4  14 14 DA A B . n 
B 1 5  DA 5  15 15 DA A B . n 
B 1 6  DT 6  16 16 DT T B . n 
B 1 7  DG 7  17 17 DG G B . n 
B 1 8  DA 8  18 18 DA A B . n 
B 1 9  DG 9  19 19 DG G B . n 
B 1 10 DG 10 20 20 DG G B . n 
# 
loop_
_pdbx_nonpoly_scheme.asym_id 
_pdbx_nonpoly_scheme.entity_id 
_pdbx_nonpoly_scheme.mon_id 
_pdbx_nonpoly_scheme.ndb_seq_num 
_pdbx_nonpoly_scheme.pdb_seq_num 
_pdbx_nonpoly_scheme.auth_seq_num 
_pdbx_nonpoly_scheme.pdb_mon_id 
_pdbx_nonpoly_scheme.auth_mon_id 
_pdbx_nonpoly_scheme.pdb_strand_id 
_pdbx_nonpoly_scheme.pdb_ins_code 
C 2 MG  1  22  22  MG  MO5 A . 
D 2 MG  1  23  23  MG  MO5 A . 
E 3 NCO 1  21  21  NCO NCO A . 
F 4 HOH 1  100 100 HOH HOH A . 
F 4 HOH 2  101 101 HOH HOH A . 
F 4 HOH 3  102 102 HOH HOH A . 
F 4 HOH 4  105 105 HOH HOH A . 
F 4 HOH 5  107 107 HOH HOH A . 
F 4 HOH 6  110 110 HOH HOH A . 
F 4 HOH 7  111 111 HOH HOH A . 
F 4 HOH 8  114 114 HOH HOH A . 
F 4 HOH 9  115 115 HOH HOH A . 
F 4 HOH 10 116 116 HOH HOH A . 
F 4 HOH 11 117 117 HOH HOH A . 
F 4 HOH 12 118 118 HOH HOH A . 
F 4 HOH 13 119 119 HOH HOH A . 
F 4 HOH 14 120 120 HOH HOH A . 
F 4 HOH 15 121 121 HOH HOH A . 
F 4 HOH 16 122 122 HOH HOH A . 
F 4 HOH 17 123 123 HOH HOH A . 
F 4 HOH 18 124 124 HOH HOH A . 
F 4 HOH 19 126 126 HOH HOH A . 
F 4 HOH 20 131 131 HOH HOH A . 
F 4 HOH 21 134 134 HOH HOH A . 
F 4 HOH 22 135 135 HOH HOH A . 
F 4 HOH 23 137 137 HOH HOH A . 
F 4 HOH 24 140 140 HOH HOH A . 
F 4 HOH 25 143 143 HOH HOH A . 
F 4 HOH 26 144 144 HOH HOH A . 
F 4 HOH 27 146 146 HOH HOH A . 
F 4 HOH 28 147 147 HOH HOH A . 
F 4 HOH 29 148 148 HOH HOH A . 
F 4 HOH 30 152 152 HOH HOH A . 
F 4 HOH 31 155 155 HOH HOH A . 
F 4 HOH 32 156 156 HOH HOH A . 
F 4 HOH 33 157 157 HOH HOH A . 
F 4 HOH 34 158 158 HOH HOH A . 
F 4 HOH 35 160 160 HOH HOH A . 
F 4 HOH 36 161 161 HOH HOH A . 
F 4 HOH 37 162 162 HOH HOH A . 
F 4 HOH 38 165 165 HOH HOH A . 
F 4 HOH 39 167 167 HOH HOH A . 
F 4 HOH 40 168 168 HOH HOH A . 
F 4 HOH 41 170 170 HOH HOH A . 
F 4 HOH 42 171 171 HOH HOH A . 
F 4 HOH 43 172 172 HOH HOH A . 
F 4 HOH 44 173 173 HOH HOH A . 
F 4 HOH 45 174 174 HOH HOH A . 
F 4 HOH 46 175 175 HOH HOH A . 
F 4 HOH 47 176 176 HOH HOH A . 
F 4 HOH 48 178 178 HOH HOH A . 
F 4 HOH 49 183 183 HOH HOH A . 
F 4 HOH 50 184 184 HOH HOH A . 
F 4 HOH 51 185 185 HOH HOH A . 
F 4 HOH 52 188 188 HOH HOH A . 
F 4 HOH 53 190 190 HOH HOH A . 
F 4 HOH 54 191 191 HOH HOH A . 
F 4 HOH 55 192 192 HOH HOH A . 
F 4 HOH 56 193 193 HOH HOH A . 
F 4 HOH 57 195 195 HOH HOH A . 
F 4 HOH 58 199 199 HOH HOH A . 
F 4 HOH 59 200 200 HOH HOH A . 
F 4 HOH 60 201 201 HOH HOH A . 
F 4 HOH 61 202 202 HOH HOH A . 
F 4 HOH 62 204 204 HOH HOH A . 
F 4 HOH 63 206 206 HOH HOH A . 
F 4 HOH 64 208 208 HOH HOH A . 
F 4 HOH 65 209 209 HOH HOH A . 
F 4 HOH 66 210 210 HOH HOH A . 
F 4 HOH 67 211 211 HOH HOH A . 
F 4 HOH 68 213 213 HOH HOH A . 
F 4 HOH 69 214 214 HOH HOH A . 
F 4 HOH 70 215 215 HOH HOH A . 
F 4 HOH 71 217 217 HOH HOH A . 
F 4 HOH 72 221 221 HOH HOH A . 
F 4 HOH 73 224 224 HOH HOH A . 
F 4 HOH 74 225 225 HOH HOH A . 
F 4 HOH 75 228 22  HOH MO5 A . 
F 4 HOH 76 229 22  HOH MO5 A . 
F 4 HOH 77 230 22  HOH MO5 A . 
F 4 HOH 78 231 22  HOH MO5 A . 
F 4 HOH 79 232 22  HOH MO5 A . 
F 4 HOH 80 233 23  HOH MO5 A . 
F 4 HOH 81 234 23  HOH MO5 A . 
F 4 HOH 82 235 23  HOH MO5 A . 
F 4 HOH 83 236 23  HOH MO5 A . 
F 4 HOH 84 237 23  HOH MO5 A . 
G 4 HOH 1  103 103 HOH HOH B . 
G 4 HOH 2  104 104 HOH HOH B . 
G 4 HOH 3  106 106 HOH HOH B . 
G 4 HOH 4  108 108 HOH HOH B . 
G 4 HOH 5  109 109 HOH HOH B . 
G 4 HOH 6  112 112 HOH HOH B . 
G 4 HOH 7  113 113 HOH HOH B . 
G 4 HOH 8  125 125 HOH HOH B . 
G 4 HOH 9  127 127 HOH HOH B . 
G 4 HOH 10 128 128 HOH HOH B . 
G 4 HOH 11 129 129 HOH HOH B . 
G 4 HOH 12 130 130 HOH HOH B . 
G 4 HOH 13 132 132 HOH HOH B . 
G 4 HOH 14 133 133 HOH HOH B . 
G 4 HOH 15 136 136 HOH HOH B . 
G 4 HOH 16 138 138 HOH HOH B . 
G 4 HOH 17 139 139 HOH HOH B . 
G 4 HOH 18 141 141 HOH HOH B . 
G 4 HOH 19 142 142 HOH HOH B . 
G 4 HOH 20 145 145 HOH HOH B . 
G 4 HOH 21 149 149 HOH HOH B . 
G 4 HOH 22 150 150 HOH HOH B . 
G 4 HOH 23 151 151 HOH HOH B . 
G 4 HOH 24 153 153 HOH HOH B . 
G 4 HOH 25 154 154 HOH HOH B . 
G 4 HOH 26 159 159 HOH HOH B . 
G 4 HOH 27 163 163 HOH HOH B . 
G 4 HOH 28 164 164 HOH HOH B . 
G 4 HOH 29 166 166 HOH HOH B . 
G 4 HOH 30 169 169 HOH HOH B . 
G 4 HOH 31 177 177 HOH HOH B . 
G 4 HOH 32 179 179 HOH HOH B . 
G 4 HOH 33 180 180 HOH HOH B . 
G 4 HOH 34 181 181 HOH HOH B . 
G 4 HOH 35 182 182 HOH HOH B . 
G 4 HOH 36 186 186 HOH HOH B . 
G 4 HOH 37 187 187 HOH HOH B . 
G 4 HOH 38 189 189 HOH HOH B . 
G 4 HOH 39 194 194 HOH HOH B . 
G 4 HOH 40 196 196 HOH HOH B . 
G 4 HOH 41 197 197 HOH HOH B . 
G 4 HOH 42 198 198 HOH HOH B . 
G 4 HOH 43 203 203 HOH HOH B . 
G 4 HOH 44 205 205 HOH HOH B . 
G 4 HOH 45 207 207 HOH HOH B . 
G 4 HOH 46 212 212 HOH HOH B . 
G 4 HOH 47 216 216 HOH HOH B . 
G 4 HOH 48 218 218 HOH HOH B . 
G 4 HOH 49 219 219 HOH HOH B . 
G 4 HOH 50 220 220 HOH HOH B . 
G 4 HOH 51 222 222 HOH HOH B . 
G 4 HOH 52 223 223 HOH HOH B . 
G 4 HOH 53 226 226 HOH HOH B . 
G 4 HOH 54 227 227 HOH HOH B . 
# 
loop_
_software.name 
_software.classification 
_software.version 
_software.citation_id 
_software.pdbx_ordinal 
X-PLOR    'model building' .        ? 1 
SHELXL-97 refinement       .        ? 2 
d*TREK    'data scaling'   'V. 5.1' ? 3 
X-PLOR    phasing          .        ? 4 
# 
_cell.entry_id           1D8X 
_cell.length_a           62.784 
_cell.length_b           35.685 
_cell.length_c           22.466 
_cell.angle_alpha        90.00 
_cell.angle_beta         104.38 
_cell.angle_gamma        90.00 
_cell.Z_PDB              8 
_cell.pdbx_unique_axis   ? 
# 
_symmetry.entry_id                         1D8X 
_symmetry.space_group_name_H-M             'C 1 2 1' 
_symmetry.pdbx_full_space_group_name_H-M   ? 
_symmetry.cell_setting                     monoclinic 
_symmetry.Int_Tables_number                5 
# 
_exptl.entry_id          1D8X 
_exptl.method            'X-RAY DIFFRACTION' 
_exptl.crystals_number   1 
# 
_exptl_crystal.id                    1 
_exptl_crystal.density_meas          ? 
_exptl_crystal.density_Matthews      1.83 
_exptl_crystal.density_percent_sol   33.0 
_exptl_crystal.description           ? 
# 
_exptl_crystal_grow.crystal_id      1 
_exptl_crystal_grow.method          'VAPOR DIFFUSION' 
_exptl_crystal_grow.temp            298 
_exptl_crystal_grow.temp_details    ? 
_exptl_crystal_grow.pH              7.5 
_exptl_crystal_grow.pdbx_details    'MPD, COBALT HEXAMMINE, MGCL2, TRIS, pH 7.5, VAPOR DIFFUSION, temperature 298K' 
_exptl_crystal_grow.pdbx_pH_range   ? 
# 
loop_
_exptl_crystal_grow_comp.crystal_id 
_exptl_crystal_grow_comp.id 
_exptl_crystal_grow_comp.sol_id 
_exptl_crystal_grow_comp.name 
_exptl_crystal_grow_comp.volume 
_exptl_crystal_grow_comp.conc 
_exptl_crystal_grow_comp.details 
1 1 1 'COBALT HEXAMMINE' ? ? ? 
1 2 1 MGCL2              ? ? ? 
1 3 1 TRIS               ? ? ? 
1 4 1 MPD                ? ? ? 
1 5 2 MPD                ? ? ? 
# 
_diffrn.id                     1 
_diffrn.ambient_temp           123 
_diffrn.ambient_temp_details   ? 
_diffrn.crystal_id             1 
# 
_diffrn_detector.diffrn_id              1 
_diffrn_detector.detector               'IMAGE PLATE' 
_diffrn_detector.type                   'RIGAKU RAXIS IIC' 
_diffrn_detector.pdbx_collection_date   1998-02-06 
_diffrn_detector.details                ? 
# 
_diffrn_radiation.diffrn_id                        1 
_diffrn_radiation.wavelength_id                    1 
_diffrn_radiation.pdbx_monochromatic_or_laue_m_l   M 
_diffrn_radiation.monochromator                    ? 
_diffrn_radiation.pdbx_diffrn_protocol             'SINGLE WAVELENGTH' 
_diffrn_radiation.pdbx_scattering_type             x-ray 
# 
_diffrn_radiation_wavelength.id           1 
_diffrn_radiation_wavelength.wavelength   1.5418 
_diffrn_radiation_wavelength.wt           1.0 
# 
_diffrn_source.diffrn_id                   1 
_diffrn_source.source                      'ROTATING ANODE' 
_diffrn_source.type                        'RIGAKU RU200' 
_diffrn_source.pdbx_synchrotron_site       ? 
_diffrn_source.pdbx_synchrotron_beamline   ? 
_diffrn_source.pdbx_wavelength             1.5418 
_diffrn_source.pdbx_wavelength_list        ? 
# 
_reflns.entry_id                     1D8X 
_reflns.observed_criterion_sigma_I   0.0 
_reflns.observed_criterion_sigma_F   0.0 
_reflns.d_resolution_low             20.0 
_reflns.d_resolution_high            1.20 
_reflns.number_obs                   12550 
_reflns.number_all                   12550 
_reflns.percent_possible_obs         81.7 
_reflns.pdbx_Rmerge_I_obs            0.0450000 
_reflns.pdbx_Rsym_value              ? 
_reflns.pdbx_netI_over_sigmaI        16.5 
_reflns.B_iso_Wilson_estimate        31.9 
_reflns.pdbx_redundancy              1.6 
_reflns.pdbx_diffrn_id               1 
_reflns.pdbx_ordinal                 1 
# 
_reflns_shell.d_res_high             1.20 
_reflns_shell.d_res_low              1.24 
_reflns_shell.percent_possible_all   46.8 
_reflns_shell.Rmerge_I_obs           0.3900000 
_reflns_shell.pdbx_Rsym_value        ? 
_reflns_shell.meanI_over_sigI_obs    3.7 
_reflns_shell.pdbx_redundancy        1.25 
_reflns_shell.pdbx_diffrn_id         ? 
_reflns_shell.pdbx_ordinal           1 
# 
_refine.entry_id                                 1D8X 
_refine.ls_number_reflns_obs                     ? 
_refine.ls_number_reflns_all                     12550 
_refine.pdbx_ls_sigma_I                          ? 
_refine.pdbx_ls_sigma_F                          0.0 
_refine.pdbx_data_cutoff_high_absF               ? 
_refine.pdbx_data_cutoff_low_absF                ? 
_refine.pdbx_data_cutoff_high_rms_absF           ? 
_refine.ls_d_res_low                             20.0 
_refine.ls_d_res_high                            1.20 
_refine.ls_percent_reflns_obs                    81.7 
_refine.ls_R_factor_obs                          0.1880000 
_refine.ls_R_factor_all                          0.1880000 
_refine.ls_R_factor_R_work                       ? 
_refine.ls_R_factor_R_free                       0.2460000 
_refine.ls_R_factor_R_free_error                 ? 
_refine.ls_R_factor_R_free_error_details         ? 
_refine.ls_percent_reflns_R_free                 5 
_refine.ls_number_reflns_R_free                  633 
_refine.ls_number_parameters                     4386 
_refine.ls_number_restraints                     5330 
_refine.occupancy_min                            ? 
_refine.occupancy_max                            ? 
_refine.B_iso_mean                               ? 
_refine.aniso_B[1][1]                            ? 
_refine.aniso_B[2][2]                            ? 
_refine.aniso_B[3][3]                            ? 
_refine.aniso_B[1][2]                            ? 
_refine.aniso_B[1][3]                            ? 
_refine.aniso_B[2][3]                            ? 
_refine.solvent_model_details                    'SHELXL SWAT OPTION' 
_refine.solvent_model_param_ksol                 ? 
_refine.solvent_model_param_bsol                 ? 
_refine.pdbx_ls_cross_valid_method               'A POSTERIORI' 
_refine.details                                  ? 
_refine.pdbx_starting_model                      ? 
_refine.pdbx_method_to_determine_struct          'MOLECULAR REPLACEMENT' 
_refine.pdbx_isotropic_thermal_model             ? 
_refine.pdbx_stereochemistry_target_values       'G.PARKINSON, J.VOJTECHOVSKY, L.CLOWNEY, A.T.BRUNGER, H.M.BERMAN' 
_refine.pdbx_stereochem_target_val_spec_case     ? 
_refine.pdbx_R_Free_selection_details            RANDOM 
_refine.pdbx_overall_ESU_R                       ? 
_refine.pdbx_overall_ESU_R_Free                  ? 
_refine.overall_SU_ML                            ? 
_refine.overall_SU_B                             ? 
_refine.pdbx_refine_id                           'X-RAY DIFFRACTION' 
_refine.pdbx_diffrn_id                           1 
_refine.pdbx_TLS_residual_ADP_flag               ? 
_refine.correlation_coeff_Fo_to_Fc               ? 
_refine.correlation_coeff_Fo_to_Fc_free          ? 
_refine.pdbx_solvent_vdw_probe_radii             ? 
_refine.pdbx_solvent_ion_probe_radii             ? 
_refine.pdbx_solvent_shrinkage_radii             ? 
_refine.pdbx_overall_phase_error                 ? 
_refine.overall_SU_R_Cruickshank_DPI             ? 
_refine.pdbx_overall_SU_R_free_Cruickshank_DPI   ? 
_refine.pdbx_overall_SU_R_Blow_DPI               ? 
_refine.pdbx_overall_SU_R_free_Blow_DPI          ? 
# 
_refine_analyze.entry_id                        1D8X 
_refine_analyze.Luzzati_coordinate_error_obs    ? 
_refine_analyze.Luzzati_sigma_a_obs             ? 
_refine_analyze.Luzzati_d_res_low_obs           ? 
_refine_analyze.Luzzati_coordinate_error_free   ? 
_refine_analyze.Luzzati_sigma_a_free            ? 
_refine_analyze.Luzzati_d_res_low_free          ? 
_refine_analyze.number_disordered_residues      0 
_refine_analyze.occupancy_sum_hydrogen          ? 
_refine_analyze.occupancy_sum_non_hydrogen      ? 
_refine_analyze.pdbx_refine_id                  'X-RAY DIFFRACTION' 
# 
_refine_hist.pdbx_refine_id                   'X-RAY DIFFRACTION' 
_refine_hist.cycle_id                         LAST 
_refine_hist.pdbx_number_atoms_protein        0 
_refine_hist.pdbx_number_atoms_nucleic_acid   412 
_refine_hist.pdbx_number_atoms_ligand         19 
_refine_hist.number_atoms_solvent             128 
_refine_hist.number_atoms_total               559 
_refine_hist.d_res_high                       1.20 
_refine_hist.d_res_low                        20.0 
# 
loop_
_refine_ls_restr.type 
_refine_ls_restr.dev_ideal 
_refine_ls_restr.dev_ideal_target 
_refine_ls_restr.weight 
_refine_ls_restr.number 
_refine_ls_restr.pdbx_refine_id 
_refine_ls_restr.pdbx_restraint_function 
s_bond_d               0.010 ? ? ? 'X-RAY DIFFRACTION' ? 
s_angle_d              0.029 ? ? ? 'X-RAY DIFFRACTION' ? 
s_similar_dist         ?     ? ? ? 'X-RAY DIFFRACTION' ? 
s_from_restr_planes    0.073 ? ? ? 'X-RAY DIFFRACTION' ? 
s_zero_chiral_vol      ?     ? ? ? 'X-RAY DIFFRACTION' ? 
s_non_zero_chiral_vol  ?     ? ? ? 'X-RAY DIFFRACTION' ? 
s_anti_bump_dis_restr  0.007 ? ? ? 'X-RAY DIFFRACTION' ? 
s_rigid_bond_adp_cmpnt 0.004 ? ? ? 'X-RAY DIFFRACTION' ? 
s_similar_adp_cmpnt    0.044 ? ? ? 'X-RAY DIFFRACTION' ? 
s_approx_iso_adps      ?     ? ? ? 'X-RAY DIFFRACTION' ? 
# 
_pdbx_refine.entry_id                                    1D8X 
_pdbx_refine.R_factor_all_no_cutoff                      ? 
_pdbx_refine.R_factor_obs_no_cutoff                      ? 
_pdbx_refine.free_R_factor_no_cutoff                     ? 
_pdbx_refine.free_R_val_test_set_size_perc_no_cutoff     ? 
_pdbx_refine.free_R_val_test_set_ct_no_cutoff            ? 
_pdbx_refine.R_factor_all_4sig_cutoff                    0.1820000 
_pdbx_refine.R_factor_obs_4sig_cutoff                    0.1820000 
_pdbx_refine.free_R_factor_4sig_cutoff                   0.2380000 
_pdbx_refine.free_R_val_test_set_size_perc_4sig_cutoff   5 
_pdbx_refine.free_R_val_test_set_ct_4sig_cutoff          566 
_pdbx_refine.number_reflns_obs_4sig_cutoff               11236 
_pdbx_refine.pdbx_refine_id                              'X-RAY DIFFRACTION' 
_pdbx_refine.free_R_error_no_cutoff                      ? 
# 
_struct.entry_id                  1D8X 
_struct.title                     'CRYSTAL STRUCTURE OF DNA SHEARED TANDEM G A BASE PAIRS' 
_struct.pdbx_model_details        ? 
_struct.pdbx_CASP_flag            ? 
_struct.pdbx_model_type_details   ? 
# 
_struct_keywords.entry_id        1D8X 
_struct_keywords.pdbx_keywords   DNA 
_struct_keywords.text            'TANDEM GA BASE PAIRS, GA MISMATCH, DNA' 
# 
loop_
_struct_asym.id 
_struct_asym.pdbx_blank_PDB_chainid_flag 
_struct_asym.pdbx_modified 
_struct_asym.entity_id 
_struct_asym.details 
A N N 1 ? 
B N N 1 ? 
C N N 2 ? 
D N N 2 ? 
E N N 3 ? 
F N N 4 ? 
G N N 4 ? 
# 
_struct_ref.id                         1 
_struct_ref.entity_id                  1 
_struct_ref.db_name                    PDB 
_struct_ref.db_code                    1D8X 
_struct_ref.pdbx_db_accession          1D8X 
_struct_ref.pdbx_db_isoform            ? 
_struct_ref.pdbx_seq_one_letter_code   ? 
_struct_ref.pdbx_align_begin           ? 
# 
loop_
_struct_ref_seq.align_id 
_struct_ref_seq.ref_id 
_struct_ref_seq.pdbx_PDB_id_code 
_struct_ref_seq.pdbx_strand_id 
_struct_ref_seq.seq_align_beg 
_struct_ref_seq.pdbx_seq_align_beg_ins_code 
_struct_ref_seq.seq_align_end 
_struct_ref_seq.pdbx_seq_align_end_ins_code 
_struct_ref_seq.pdbx_db_accession 
_struct_ref_seq.db_align_beg 
_struct_ref_seq.pdbx_db_align_beg_ins_code 
_struct_ref_seq.db_align_end 
_struct_ref_seq.pdbx_db_align_end_ins_code 
_struct_ref_seq.pdbx_auth_seq_align_beg 
_struct_ref_seq.pdbx_auth_seq_align_end 
1 1 1D8X A 1 ? 10 ? 1D8X 1  ? 10 ? 1  10 
2 1 1D8X B 1 ? 10 ? 1D8X 11 ? 20 ? 11 20 
# 
_pdbx_struct_assembly.id                   1 
_pdbx_struct_assembly.details              author_defined_assembly 
_pdbx_struct_assembly.method_details       ? 
_pdbx_struct_assembly.oligomeric_details   dimeric 
_pdbx_struct_assembly.oligomeric_count     2 
# 
_pdbx_struct_assembly_gen.assembly_id       1 
_pdbx_struct_assembly_gen.oper_expression   1 
_pdbx_struct_assembly_gen.asym_id_list      A,B,C,D,E,F,G 
# 
_pdbx_struct_oper_list.id                   1 
_pdbx_struct_oper_list.type                 'identity operation' 
_pdbx_struct_oper_list.name                 1_555 
_pdbx_struct_oper_list.symmetry_operation   x,y,z 
_pdbx_struct_oper_list.matrix[1][1]         1.0000000000 
_pdbx_struct_oper_list.matrix[1][2]         0.0000000000 
_pdbx_struct_oper_list.matrix[1][3]         0.0000000000 
_pdbx_struct_oper_list.vector[1]            0.0000000000 
_pdbx_struct_oper_list.matrix[2][1]         0.0000000000 
_pdbx_struct_oper_list.matrix[2][2]         1.0000000000 
_pdbx_struct_oper_list.matrix[2][3]         0.0000000000 
_pdbx_struct_oper_list.vector[2]            0.0000000000 
_pdbx_struct_oper_list.matrix[3][1]         0.0000000000 
_pdbx_struct_oper_list.matrix[3][2]         0.0000000000 
_pdbx_struct_oper_list.matrix[3][3]         1.0000000000 
_pdbx_struct_oper_list.vector[3]            0.0000000000 
# 
_struct_biol.id   1 
# 
loop_
_struct_conn.id 
_struct_conn.conn_type_id 
_struct_conn.pdbx_leaving_atom_flag 
_struct_conn.pdbx_PDB_id 
_struct_conn.ptnr1_label_asym_id 
_struct_conn.ptnr1_label_comp_id 
_struct_conn.ptnr1_label_seq_id 
_struct_conn.ptnr1_label_atom_id 
_struct_conn.pdbx_ptnr1_label_alt_id 
_struct_conn.pdbx_ptnr1_PDB_ins_code 
_struct_conn.pdbx_ptnr1_standard_comp_id 
_struct_conn.ptnr1_symmetry 
_struct_conn.ptnr2_label_asym_id 
_struct_conn.ptnr2_label_comp_id 
_struct_conn.ptnr2_label_seq_id 
_struct_conn.ptnr2_label_atom_id 
_struct_conn.pdbx_ptnr2_label_alt_id 
_struct_conn.pdbx_ptnr2_PDB_ins_code 
_struct_conn.ptnr1_auth_asym_id 
_struct_conn.ptnr1_auth_comp_id 
_struct_conn.ptnr1_auth_seq_id 
_struct_conn.ptnr2_auth_asym_id 
_struct_conn.ptnr2_auth_comp_id 
_struct_conn.ptnr2_auth_seq_id 
_struct_conn.ptnr2_symmetry 
_struct_conn.pdbx_ptnr3_label_atom_id 
_struct_conn.pdbx_ptnr3_label_seq_id 
_struct_conn.pdbx_ptnr3_label_comp_id 
_struct_conn.pdbx_ptnr3_label_asym_id 
_struct_conn.pdbx_ptnr3_label_alt_id 
_struct_conn.pdbx_ptnr3_PDB_ins_code 
_struct_conn.details 
_struct_conn.pdbx_dist_value 
_struct_conn.pdbx_value_order 
_struct_conn.pdbx_role 
metalc1  metalc ? ? A DA 5  OP2 ? ? ? 1_555 C MG  .  MG ? ? A DA 5  A MG  22  1_555 ? ? ? ? ? ? ?            1.969 ? ? 
metalc2  metalc ? ? A DG 9  OP1 ? ? ? 1_555 D MG  .  MG ? ? A DG 9  A MG  23  1_555 ? ? ? ? ? ? ?            2.080 ? ? 
metalc3  metalc ? ? C MG .  MG  ? ? ? 1_555 F HOH .  O  ? ? A MG 22 A HOH 228 1_555 ? ? ? ? ? ? ?            2.066 ? ? 
metalc4  metalc ? ? C MG .  MG  ? ? ? 1_555 F HOH .  O  ? ? A MG 22 A HOH 229 1_555 ? ? ? ? ? ? ?            2.042 ? ? 
metalc5  metalc ? ? C MG .  MG  ? ? ? 1_555 F HOH .  O  ? ? A MG 22 A HOH 230 1_555 ? ? ? ? ? ? ?            2.072 ? ? 
metalc6  metalc ? ? C MG .  MG  ? ? ? 1_555 F HOH .  O  ? ? A MG 22 A HOH 231 1_555 ? ? ? ? ? ? ?            2.073 ? ? 
metalc7  metalc ? ? C MG .  MG  ? ? ? 1_555 F HOH .  O  ? ? A MG 22 A HOH 232 1_555 ? ? ? ? ? ? ?            2.054 ? ? 
metalc8  metalc ? ? D MG .  MG  ? ? ? 1_555 F HOH .  O  ? ? A MG 23 A HOH 233 1_555 ? ? ? ? ? ? ?            2.031 ? ? 
metalc9  metalc ? ? D MG .  MG  ? ? ? 1_555 F HOH .  O  ? ? A MG 23 A HOH 234 1_555 ? ? ? ? ? ? ?            2.061 ? ? 
metalc10 metalc ? ? D MG .  MG  ? ? ? 1_555 F HOH .  O  ? ? A MG 23 A HOH 235 1_555 ? ? ? ? ? ? ?            2.039 ? ? 
metalc11 metalc ? ? D MG .  MG  ? ? ? 1_555 F HOH .  O  ? ? A MG 23 A HOH 236 1_555 ? ? ? ? ? ? ?            2.087 ? ? 
metalc12 metalc ? ? D MG .  MG  ? ? ? 1_555 F HOH .  O  ? ? A MG 23 A HOH 237 1_555 ? ? ? ? ? ? ?            2.077 ? ? 
hydrog1  hydrog ? ? A DC 1  N3  ? ? ? 1_555 B DG  10 N1 ? ? A DC 1  B DG  20  1_555 ? ? ? ? ? ? WATSON-CRICK ?     ? ? 
hydrog2  hydrog ? ? A DC 1  N4  ? ? ? 1_555 B DG  10 O6 ? ? A DC 1  B DG  20  1_555 ? ? ? ? ? ? WATSON-CRICK ?     ? ? 
hydrog3  hydrog ? ? A DC 1  O2  ? ? ? 1_555 B DG  10 N2 ? ? A DC 1  B DG  20  1_555 ? ? ? ? ? ? WATSON-CRICK ?     ? ? 
hydrog4  hydrog ? ? A DC 2  N3  ? ? ? 1_555 B DG  9  N1 ? ? A DC 2  B DG  19  1_555 ? ? ? ? ? ? WATSON-CRICK ?     ? ? 
hydrog5  hydrog ? ? A DC 2  N4  ? ? ? 1_555 B DG  9  O6 ? ? A DC 2  B DG  19  1_555 ? ? ? ? ? ? WATSON-CRICK ?     ? ? 
hydrog6  hydrog ? ? A DC 2  O2  ? ? ? 1_555 B DG  9  N2 ? ? A DC 2  B DG  19  1_555 ? ? ? ? ? ? WATSON-CRICK ?     ? ? 
hydrog7  hydrog ? ? A DG 3  N2  ? ? ? 1_555 B DA  8  N7 ? ? A DG 3  B DA  18  1_555 ? ? ? ? ? ? TYPE_11_PAIR ?     ? ? 
hydrog8  hydrog ? ? A DG 3  N3  ? ? ? 1_555 B DA  8  N6 ? ? A DG 3  B DA  18  1_555 ? ? ? ? ? ? TYPE_11_PAIR ?     ? ? 
hydrog9  hydrog ? ? A DA 4  N6  ? ? ? 1_555 B DG  7  N3 ? ? A DA 4  B DG  17  1_555 ? ? ? ? ? ? TYPE_11_PAIR ?     ? ? 
hydrog10 hydrog ? ? A DA 4  N7  ? ? ? 1_555 B DG  7  N2 ? ? A DA 4  B DG  17  1_555 ? ? ? ? ? ? TYPE_11_PAIR ?     ? ? 
hydrog11 hydrog ? ? A DA 5  N1  ? ? ? 1_555 B DT  6  N3 ? ? A DA 5  B DT  16  1_555 ? ? ? ? ? ? WATSON-CRICK ?     ? ? 
hydrog12 hydrog ? ? A DA 5  N6  ? ? ? 1_555 B DT  6  O4 ? ? A DA 5  B DT  16  1_555 ? ? ? ? ? ? WATSON-CRICK ?     ? ? 
hydrog13 hydrog ? ? A DT 6  N3  ? ? ? 1_555 B DA  5  N1 ? ? A DT 6  B DA  15  1_555 ? ? ? ? ? ? WATSON-CRICK ?     ? ? 
hydrog14 hydrog ? ? A DT 6  O4  ? ? ? 1_555 B DA  5  N6 ? ? A DT 6  B DA  15  1_555 ? ? ? ? ? ? WATSON-CRICK ?     ? ? 
hydrog15 hydrog ? ? A DG 7  N2  ? ? ? 1_555 B DA  4  N7 ? ? A DG 7  B DA  14  1_555 ? ? ? ? ? ? TYPE_11_PAIR ?     ? ? 
hydrog16 hydrog ? ? A DG 7  N3  ? ? ? 1_555 B DA  4  N6 ? ? A DG 7  B DA  14  1_555 ? ? ? ? ? ? TYPE_11_PAIR ?     ? ? 
hydrog17 hydrog ? ? A DA 8  N6  ? ? ? 1_555 B DG  3  N3 ? ? A DA 8  B DG  13  1_555 ? ? ? ? ? ? TYPE_11_PAIR ?     ? ? 
hydrog18 hydrog ? ? A DA 8  N7  ? ? ? 1_555 B DG  3  N2 ? ? A DA 8  B DG  13  1_555 ? ? ? ? ? ? TYPE_11_PAIR ?     ? ? 
hydrog19 hydrog ? ? A DG 9  N1  ? ? ? 1_555 B DC  2  N3 ? ? A DG 9  B DC  12  1_555 ? ? ? ? ? ? WATSON-CRICK ?     ? ? 
hydrog20 hydrog ? ? A DG 9  N2  ? ? ? 1_555 B DC  2  O2 ? ? A DG 9  B DC  12  1_555 ? ? ? ? ? ? WATSON-CRICK ?     ? ? 
hydrog21 hydrog ? ? A DG 9  O6  ? ? ? 1_555 B DC  2  N4 ? ? A DG 9  B DC  12  1_555 ? ? ? ? ? ? WATSON-CRICK ?     ? ? 
hydrog22 hydrog ? ? A DG 10 N1  ? ? ? 1_555 B DC  1  N3 ? ? A DG 10 B DC  11  1_555 ? ? ? ? ? ? WATSON-CRICK ?     ? ? 
hydrog23 hydrog ? ? A DG 10 N2  ? ? ? 1_555 B DC  1  O2 ? ? A DG 10 B DC  11  1_555 ? ? ? ? ? ? WATSON-CRICK ?     ? ? 
hydrog24 hydrog ? ? A DG 10 O6  ? ? ? 1_555 B DC  1  N4 ? ? A DG 10 B DC  11  1_555 ? ? ? ? ? ? WATSON-CRICK ?     ? ? 
# 
loop_
_struct_conn_type.id 
_struct_conn_type.criteria 
_struct_conn_type.reference 
metalc ? ? 
hydrog ? ? 
# 
loop_
_pdbx_struct_conn_angle.id 
_pdbx_struct_conn_angle.ptnr1_label_atom_id 
_pdbx_struct_conn_angle.ptnr1_label_alt_id 
_pdbx_struct_conn_angle.ptnr1_label_asym_id 
_pdbx_struct_conn_angle.ptnr1_label_comp_id 
_pdbx_struct_conn_angle.ptnr1_label_seq_id 
_pdbx_struct_conn_angle.ptnr1_auth_atom_id 
_pdbx_struct_conn_angle.ptnr1_auth_asym_id 
_pdbx_struct_conn_angle.ptnr1_auth_comp_id 
_pdbx_struct_conn_angle.ptnr1_auth_seq_id 
_pdbx_struct_conn_angle.ptnr1_PDB_ins_code 
_pdbx_struct_conn_angle.ptnr1_symmetry 
_pdbx_struct_conn_angle.ptnr2_label_atom_id 
_pdbx_struct_conn_angle.ptnr2_label_alt_id 
_pdbx_struct_conn_angle.ptnr2_label_asym_id 
_pdbx_struct_conn_angle.ptnr2_label_comp_id 
_pdbx_struct_conn_angle.ptnr2_label_seq_id 
_pdbx_struct_conn_angle.ptnr2_auth_atom_id 
_pdbx_struct_conn_angle.ptnr2_auth_asym_id 
_pdbx_struct_conn_angle.ptnr2_auth_comp_id 
_pdbx_struct_conn_angle.ptnr2_auth_seq_id 
_pdbx_struct_conn_angle.ptnr2_PDB_ins_code 
_pdbx_struct_conn_angle.ptnr2_symmetry 
_pdbx_struct_conn_angle.ptnr3_label_atom_id 
_pdbx_struct_conn_angle.ptnr3_label_alt_id 
_pdbx_struct_conn_angle.ptnr3_label_asym_id 
_pdbx_struct_conn_angle.ptnr3_label_comp_id 
_pdbx_struct_conn_angle.ptnr3_label_seq_id 
_pdbx_struct_conn_angle.ptnr3_auth_atom_id 
_pdbx_struct_conn_angle.ptnr3_auth_asym_id 
_pdbx_struct_conn_angle.ptnr3_auth_comp_id 
_pdbx_struct_conn_angle.ptnr3_auth_seq_id 
_pdbx_struct_conn_angle.ptnr3_PDB_ins_code 
_pdbx_struct_conn_angle.ptnr3_symmetry 
_pdbx_struct_conn_angle.value 
_pdbx_struct_conn_angle.value_esd 
1  OP2 ? A DA  5 ? A DA  5   ? 1_555 MG ? C MG . ? A MG 22 ? 1_555 O ? F HOH . ? A HOH 228 ? 1_555 86.3  ? 
2  OP2 ? A DA  5 ? A DA  5   ? 1_555 MG ? C MG . ? A MG 22 ? 1_555 O ? F HOH . ? A HOH 229 ? 1_555 95.1  ? 
3  O   ? F HOH . ? A HOH 228 ? 1_555 MG ? C MG . ? A MG 22 ? 1_555 O ? F HOH . ? A HOH 229 ? 1_555 178.0 ? 
4  OP2 ? A DA  5 ? A DA  5   ? 1_555 MG ? C MG . ? A MG 22 ? 1_555 O ? F HOH . ? A HOH 230 ? 1_555 88.8  ? 
5  O   ? F HOH . ? A HOH 228 ? 1_555 MG ? C MG . ? A MG 22 ? 1_555 O ? F HOH . ? A HOH 230 ? 1_555 89.9  ? 
6  O   ? F HOH . ? A HOH 229 ? 1_555 MG ? C MG . ? A MG 22 ? 1_555 O ? F HOH . ? A HOH 230 ? 1_555 88.7  ? 
7  OP2 ? A DA  5 ? A DA  5   ? 1_555 MG ? C MG . ? A MG 22 ? 1_555 O ? F HOH . ? A HOH 231 ? 1_555 173.0 ? 
8  O   ? F HOH . ? A HOH 228 ? 1_555 MG ? C MG . ? A MG 22 ? 1_555 O ? F HOH . ? A HOH 231 ? 1_555 88.7  ? 
9  O   ? F HOH . ? A HOH 229 ? 1_555 MG ? C MG . ? A MG 22 ? 1_555 O ? F HOH . ? A HOH 231 ? 1_555 89.8  ? 
10 O   ? F HOH . ? A HOH 230 ? 1_555 MG ? C MG . ? A MG 22 ? 1_555 O ? F HOH . ? A HOH 231 ? 1_555 86.3  ? 
11 OP2 ? A DA  5 ? A DA  5   ? 1_555 MG ? C MG . ? A MG 22 ? 1_555 O ? F HOH . ? A HOH 232 ? 1_555 95.6  ? 
12 O   ? F HOH . ? A HOH 228 ? 1_555 MG ? C MG . ? A MG 22 ? 1_555 O ? F HOH . ? A HOH 232 ? 1_555 91.5  ? 
13 O   ? F HOH . ? A HOH 229 ? 1_555 MG ? C MG . ? A MG 22 ? 1_555 O ? F HOH . ? A HOH 232 ? 1_555 89.8  ? 
14 O   ? F HOH . ? A HOH 230 ? 1_555 MG ? C MG . ? A MG 22 ? 1_555 O ? F HOH . ? A HOH 232 ? 1_555 175.5 ? 
15 O   ? F HOH . ? A HOH 231 ? 1_555 MG ? C MG . ? A MG 22 ? 1_555 O ? F HOH . ? A HOH 232 ? 1_555 89.4  ? 
16 OP1 ? A DG  9 ? A DG  9   ? 1_555 MG ? D MG . ? A MG 23 ? 1_555 O ? F HOH . ? A HOH 233 ? 1_555 87.6  ? 
17 OP1 ? A DG  9 ? A DG  9   ? 1_555 MG ? D MG . ? A MG 23 ? 1_555 O ? F HOH . ? A HOH 234 ? 1_555 89.6  ? 
18 O   ? F HOH . ? A HOH 233 ? 1_555 MG ? D MG . ? A MG 23 ? 1_555 O ? F HOH . ? A HOH 234 ? 1_555 173.2 ? 
19 OP1 ? A DG  9 ? A DG  9   ? 1_555 MG ? D MG . ? A MG 23 ? 1_555 O ? F HOH . ? A HOH 235 ? 1_555 89.9  ? 
20 O   ? F HOH . ? A HOH 233 ? 1_555 MG ? D MG . ? A MG 23 ? 1_555 O ? F HOH . ? A HOH 235 ? 1_555 95.6  ? 
21 O   ? F HOH . ? A HOH 234 ? 1_555 MG ? D MG . ? A MG 23 ? 1_555 O ? F HOH . ? A HOH 235 ? 1_555 90.6  ? 
22 OP1 ? A DG  9 ? A DG  9   ? 1_555 MG ? D MG . ? A MG 23 ? 1_555 O ? F HOH . ? A HOH 236 ? 1_555 175.6 ? 
23 O   ? F HOH . ? A HOH 233 ? 1_555 MG ? D MG . ? A MG 23 ? 1_555 O ? F HOH . ? A HOH 236 ? 1_555 93.4  ? 
24 O   ? F HOH . ? A HOH 234 ? 1_555 MG ? D MG . ? A MG 23 ? 1_555 O ? F HOH . ? A HOH 236 ? 1_555 89.9  ? 
25 O   ? F HOH . ? A HOH 235 ? 1_555 MG ? D MG . ? A MG 23 ? 1_555 O ? F HOH . ? A HOH 236 ? 1_555 85.8  ? 
26 OP1 ? A DG  9 ? A DG  9   ? 1_555 MG ? D MG . ? A MG 23 ? 1_555 O ? F HOH . ? A HOH 237 ? 1_555 97.8  ? 
27 O   ? F HOH . ? A HOH 233 ? 1_555 MG ? D MG . ? A MG 23 ? 1_555 O ? F HOH . ? A HOH 237 ? 1_555 85.1  ? 
28 O   ? F HOH . ? A HOH 234 ? 1_555 MG ? D MG . ? A MG 23 ? 1_555 O ? F HOH . ? A HOH 237 ? 1_555 89.2  ? 
29 O   ? F HOH . ? A HOH 235 ? 1_555 MG ? D MG . ? A MG 23 ? 1_555 O ? F HOH . ? A HOH 237 ? 1_555 172.4 ? 
30 O   ? F HOH . ? A HOH 236 ? 1_555 MG ? D MG . ? A MG 23 ? 1_555 O ? F HOH . ? A HOH 237 ? 1_555 86.6  ? 
# 
loop_
_struct_site.id 
_struct_site.pdbx_evidence_code 
_struct_site.pdbx_auth_asym_id 
_struct_site.pdbx_auth_comp_id 
_struct_site.pdbx_auth_seq_id 
_struct_site.pdbx_auth_ins_code 
_struct_site.pdbx_num_residues 
_struct_site.details 
AC1 Software A MG  22 ? 6 'BINDING SITE FOR RESIDUE MG A 22'  
AC2 Software A MG  23 ? 6 'BINDING SITE FOR RESIDUE MG A 23'  
AC3 Software A NCO 21 ? 9 'BINDING SITE FOR RESIDUE NCO A 21' 
# 
loop_
_struct_site_gen.id 
_struct_site_gen.site_id 
_struct_site_gen.pdbx_num_res 
_struct_site_gen.label_comp_id 
_struct_site_gen.label_asym_id 
_struct_site_gen.label_seq_id 
_struct_site_gen.pdbx_auth_ins_code 
_struct_site_gen.auth_comp_id 
_struct_site_gen.auth_asym_id 
_struct_site_gen.auth_seq_id 
_struct_site_gen.label_atom_id 
_struct_site_gen.label_alt_id 
_struct_site_gen.symmetry 
_struct_site_gen.details 
1  AC1 6 DA  A 5 ? DA  A 5   . ? 1_555 ? 
2  AC1 6 HOH F . ? HOH A 228 . ? 1_555 ? 
3  AC1 6 HOH F . ? HOH A 229 . ? 1_555 ? 
4  AC1 6 HOH F . ? HOH A 230 . ? 1_555 ? 
5  AC1 6 HOH F . ? HOH A 231 . ? 1_555 ? 
6  AC1 6 HOH F . ? HOH A 232 . ? 1_555 ? 
7  AC2 6 DG  A 9 ? DG  A 9   . ? 1_555 ? 
8  AC2 6 HOH F . ? HOH A 233 . ? 1_555 ? 
9  AC2 6 HOH F . ? HOH A 234 . ? 1_555 ? 
10 AC2 6 HOH F . ? HOH A 235 . ? 1_555 ? 
11 AC2 6 HOH F . ? HOH A 236 . ? 1_555 ? 
12 AC2 6 HOH F . ? HOH A 237 . ? 1_555 ? 
13 AC3 9 DG  A 3 ? DG  A 3   . ? 1_556 ? 
14 AC3 9 DT  A 6 ? DT  A 6   . ? 1_555 ? 
15 AC3 9 DG  A 7 ? DG  A 7   . ? 1_555 ? 
16 AC3 9 HOH F . ? HOH A 167 . ? 1_555 ? 
17 AC3 9 HOH F . ? HOH A 170 . ? 1_555 ? 
18 AC3 9 HOH F . ? HOH A 209 . ? 1_555 ? 
19 AC3 9 DG  B 3 ? DG  B 13  . ? 1_555 ? 
20 AC3 9 DG  B 7 ? DG  B 17  . ? 1_556 ? 
21 AC3 9 HOH G . ? HOH B 125 . ? 1_556 ? 
# 
loop_
_pdbx_validate_rmsd_angle.id 
_pdbx_validate_rmsd_angle.PDB_model_num 
_pdbx_validate_rmsd_angle.auth_atom_id_1 
_pdbx_validate_rmsd_angle.auth_asym_id_1 
_pdbx_validate_rmsd_angle.auth_comp_id_1 
_pdbx_validate_rmsd_angle.auth_seq_id_1 
_pdbx_validate_rmsd_angle.PDB_ins_code_1 
_pdbx_validate_rmsd_angle.label_alt_id_1 
_pdbx_validate_rmsd_angle.auth_atom_id_2 
_pdbx_validate_rmsd_angle.auth_asym_id_2 
_pdbx_validate_rmsd_angle.auth_comp_id_2 
_pdbx_validate_rmsd_angle.auth_seq_id_2 
_pdbx_validate_rmsd_angle.PDB_ins_code_2 
_pdbx_validate_rmsd_angle.label_alt_id_2 
_pdbx_validate_rmsd_angle.auth_atom_id_3 
_pdbx_validate_rmsd_angle.auth_asym_id_3 
_pdbx_validate_rmsd_angle.auth_comp_id_3 
_pdbx_validate_rmsd_angle.auth_seq_id_3 
_pdbx_validate_rmsd_angle.PDB_ins_code_3 
_pdbx_validate_rmsd_angle.label_alt_id_3 
_pdbx_validate_rmsd_angle.angle_value 
_pdbx_validate_rmsd_angle.angle_target_value 
_pdbx_validate_rmsd_angle.angle_deviation 
_pdbx_validate_rmsd_angle.angle_standard_deviation 
_pdbx_validate_rmsd_angle.linker_flag 
1  1 C6    A DC 1  ? ? N1    A DC 1  ? ? C2    A DC 1  ? ? 117.83 120.30 -2.47 0.40 N 
2  1 N3    A DC 1  ? ? C4    A DC 1  ? ? C5    A DC 1  ? ? 117.50 121.90 -4.40 0.40 N 
3  1 C6    A DG 3  ? ? C5    A DG 3  ? ? N7    A DG 3  ? ? 126.25 130.40 -4.15 0.60 N 
4  1 C8    A DA 4  ? ? N9    A DA 4  ? ? C4    A DA 4  ? ? 102.99 105.80 -2.81 0.40 N 
5  1 N9    A DA 4  ? ? C4    A DA 4  ? ? C5    A DA 4  ? ? 108.69 105.80 2.89  0.40 N 
6  1 "O4'" A DA 5  ? ? "C4'" A DA 5  ? ? "C3'" A DA 5  ? ? 101.33 104.50 -3.17 0.40 N 
7  1 N1    A DA 5  ? ? C6    A DA 5  ? ? N6    A DA 5  ? ? 114.21 118.60 -4.39 0.60 N 
8  1 "O5'" A DG 7  ? ? P     A DG 7  ? ? OP2   A DG 7  ? ? 99.66  105.70 -6.04 0.90 N 
9  1 "O4'" A DG 7  ? ? "C1'" A DG 7  ? ? N9    A DG 7  ? ? 111.38 108.30 3.08  0.30 N 
10 1 C6    A DG 7  ? ? N1    A DG 7  ? ? C2    A DG 7  ? ? 121.38 125.10 -3.72 0.60 N 
11 1 N1    A DG 7  ? ? C2    A DG 7  ? ? N3    A DG 7  ? ? 128.13 123.90 4.23  0.60 N 
12 1 N3    B DC 11 ? ? C4    B DC 11 ? ? C5    B DC 11 ? ? 125.56 121.90 3.66  0.40 N 
13 1 C4    B DC 11 ? ? C5    B DC 11 ? ? C6    B DC 11 ? ? 114.33 117.40 -3.07 0.50 N 
14 1 "C3'" B DC 11 ? ? "O3'" B DC 11 ? ? P     B DC 12 ? ? 110.25 119.70 -9.45 1.20 Y 
15 1 "O4'" B DA 14 ? ? "C1'" B DA 14 ? ? N9    B DA 14 ? ? 110.79 108.30 2.49  0.30 N 
16 1 "O4'" B DA 15 ? ? "C4'" B DA 15 ? ? "C3'" B DA 15 ? ? 101.23 104.50 -3.27 0.40 N 
# 
loop_
_pdbx_validate_planes.id 
_pdbx_validate_planes.PDB_model_num 
_pdbx_validate_planes.auth_comp_id 
_pdbx_validate_planes.auth_asym_id 
_pdbx_validate_planes.auth_seq_id 
_pdbx_validate_planes.PDB_ins_code 
_pdbx_validate_planes.label_alt_id 
_pdbx_validate_planes.rmsd 
_pdbx_validate_planes.type 
1 1 DA A 5  ? ? 0.081 'SIDE CHAIN' 
2 1 DC B 11 ? ? 0.078 'SIDE CHAIN' 
3 1 DA B 14 ? ? 0.077 'SIDE CHAIN' 
# 
loop_
_pdbx_struct_special_symmetry.id 
_pdbx_struct_special_symmetry.PDB_model_num 
_pdbx_struct_special_symmetry.auth_asym_id 
_pdbx_struct_special_symmetry.auth_comp_id 
_pdbx_struct_special_symmetry.auth_seq_id 
_pdbx_struct_special_symmetry.PDB_ins_code 
_pdbx_struct_special_symmetry.label_asym_id 
_pdbx_struct_special_symmetry.label_comp_id 
_pdbx_struct_special_symmetry.label_seq_id 
1 1 A HOH 100 ? F HOH . 
2 1 A HOH 101 ? F HOH . 
3 1 A HOH 211 ? F HOH . 
4 1 B HOH 219 ? G HOH . 
# 
loop_
_chem_comp_atom.comp_id 
_chem_comp_atom.atom_id 
_chem_comp_atom.type_symbol 
_chem_comp_atom.pdbx_aromatic_flag 
_chem_comp_atom.pdbx_stereo_config 
_chem_comp_atom.pdbx_ordinal 
DA  OP3    O  N N 1   
DA  P      P  N N 2   
DA  OP1    O  N N 3   
DA  OP2    O  N N 4   
DA  "O5'"  O  N N 5   
DA  "C5'"  C  N N 6   
DA  "C4'"  C  N R 7   
DA  "O4'"  O  N N 8   
DA  "C3'"  C  N S 9   
DA  "O3'"  O  N N 10  
DA  "C2'"  C  N N 11  
DA  "C1'"  C  N R 12  
DA  N9     N  Y N 13  
DA  C8     C  Y N 14  
DA  N7     N  Y N 15  
DA  C5     C  Y N 16  
DA  C6     C  Y N 17  
DA  N6     N  N N 18  
DA  N1     N  Y N 19  
DA  C2     C  Y N 20  
DA  N3     N  Y N 21  
DA  C4     C  Y N 22  
DA  HOP3   H  N N 23  
DA  HOP2   H  N N 24  
DA  "H5'"  H  N N 25  
DA  "H5''" H  N N 26  
DA  "H4'"  H  N N 27  
DA  "H3'"  H  N N 28  
DA  "HO3'" H  N N 29  
DA  "H2'"  H  N N 30  
DA  "H2''" H  N N 31  
DA  "H1'"  H  N N 32  
DA  H8     H  N N 33  
DA  H61    H  N N 34  
DA  H62    H  N N 35  
DA  H2     H  N N 36  
DC  OP3    O  N N 37  
DC  P      P  N N 38  
DC  OP1    O  N N 39  
DC  OP2    O  N N 40  
DC  "O5'"  O  N N 41  
DC  "C5'"  C  N N 42  
DC  "C4'"  C  N R 43  
DC  "O4'"  O  N N 44  
DC  "C3'"  C  N S 45  
DC  "O3'"  O  N N 46  
DC  "C2'"  C  N N 47  
DC  "C1'"  C  N R 48  
DC  N1     N  N N 49  
DC  C2     C  N N 50  
DC  O2     O  N N 51  
DC  N3     N  N N 52  
DC  C4     C  N N 53  
DC  N4     N  N N 54  
DC  C5     C  N N 55  
DC  C6     C  N N 56  
DC  HOP3   H  N N 57  
DC  HOP2   H  N N 58  
DC  "H5'"  H  N N 59  
DC  "H5''" H  N N 60  
DC  "H4'"  H  N N 61  
DC  "H3'"  H  N N 62  
DC  "HO3'" H  N N 63  
DC  "H2'"  H  N N 64  
DC  "H2''" H  N N 65  
DC  "H1'"  H  N N 66  
DC  H41    H  N N 67  
DC  H42    H  N N 68  
DC  H5     H  N N 69  
DC  H6     H  N N 70  
DG  OP3    O  N N 71  
DG  P      P  N N 72  
DG  OP1    O  N N 73  
DG  OP2    O  N N 74  
DG  "O5'"  O  N N 75  
DG  "C5'"  C  N N 76  
DG  "C4'"  C  N R 77  
DG  "O4'"  O  N N 78  
DG  "C3'"  C  N S 79  
DG  "O3'"  O  N N 80  
DG  "C2'"  C  N N 81  
DG  "C1'"  C  N R 82  
DG  N9     N  Y N 83  
DG  C8     C  Y N 84  
DG  N7     N  Y N 85  
DG  C5     C  Y N 86  
DG  C6     C  N N 87  
DG  O6     O  N N 88  
DG  N1     N  N N 89  
DG  C2     C  N N 90  
DG  N2     N  N N 91  
DG  N3     N  N N 92  
DG  C4     C  Y N 93  
DG  HOP3   H  N N 94  
DG  HOP2   H  N N 95  
DG  "H5'"  H  N N 96  
DG  "H5''" H  N N 97  
DG  "H4'"  H  N N 98  
DG  "H3'"  H  N N 99  
DG  "HO3'" H  N N 100 
DG  "H2'"  H  N N 101 
DG  "H2''" H  N N 102 
DG  "H1'"  H  N N 103 
DG  H8     H  N N 104 
DG  H1     H  N N 105 
DG  H21    H  N N 106 
DG  H22    H  N N 107 
DT  OP3    O  N N 108 
DT  P      P  N N 109 
DT  OP1    O  N N 110 
DT  OP2    O  N N 111 
DT  "O5'"  O  N N 112 
DT  "C5'"  C  N N 113 
DT  "C4'"  C  N R 114 
DT  "O4'"  O  N N 115 
DT  "C3'"  C  N S 116 
DT  "O3'"  O  N N 117 
DT  "C2'"  C  N N 118 
DT  "C1'"  C  N R 119 
DT  N1     N  N N 120 
DT  C2     C  N N 121 
DT  O2     O  N N 122 
DT  N3     N  N N 123 
DT  C4     C  N N 124 
DT  O4     O  N N 125 
DT  C5     C  N N 126 
DT  C7     C  N N 127 
DT  C6     C  N N 128 
DT  HOP3   H  N N 129 
DT  HOP2   H  N N 130 
DT  "H5'"  H  N N 131 
DT  "H5''" H  N N 132 
DT  "H4'"  H  N N 133 
DT  "H3'"  H  N N 134 
DT  "HO3'" H  N N 135 
DT  "H2'"  H  N N 136 
DT  "H2''" H  N N 137 
DT  "H1'"  H  N N 138 
DT  H3     H  N N 139 
DT  H71    H  N N 140 
DT  H72    H  N N 141 
DT  H73    H  N N 142 
DT  H6     H  N N 143 
HOH O      O  N N 144 
HOH H1     H  N N 145 
HOH H2     H  N N 146 
MG  MG     MG N N 147 
NCO CO     CO N N 148 
NCO N1     N  N N 149 
NCO N2     N  N N 150 
NCO N3     N  N N 151 
NCO N4     N  N N 152 
NCO N5     N  N N 153 
NCO N6     N  N N 154 
NCO HN11   H  N N 155 
NCO HN12   H  N N 156 
NCO HN13   H  N N 157 
NCO HN21   H  N N 158 
NCO HN22   H  N N 159 
NCO HN23   H  N N 160 
NCO HN31   H  N N 161 
NCO HN32   H  N N 162 
NCO HN33   H  N N 163 
NCO HN41   H  N N 164 
NCO HN42   H  N N 165 
NCO HN43   H  N N 166 
NCO HN51   H  N N 167 
NCO HN52   H  N N 168 
NCO HN53   H  N N 169 
NCO HN61   H  N N 170 
NCO HN62   H  N N 171 
NCO HN63   H  N N 172 
# 
loop_
_chem_comp_bond.comp_id 
_chem_comp_bond.atom_id_1 
_chem_comp_bond.atom_id_2 
_chem_comp_bond.value_order 
_chem_comp_bond.pdbx_aromatic_flag 
_chem_comp_bond.pdbx_stereo_config 
_chem_comp_bond.pdbx_ordinal 
DA  OP3   P      sing N N 1   
DA  OP3   HOP3   sing N N 2   
DA  P     OP1    doub N N 3   
DA  P     OP2    sing N N 4   
DA  P     "O5'"  sing N N 5   
DA  OP2   HOP2   sing N N 6   
DA  "O5'" "C5'"  sing N N 7   
DA  "C5'" "C4'"  sing N N 8   
DA  "C5'" "H5'"  sing N N 9   
DA  "C5'" "H5''" sing N N 10  
DA  "C4'" "O4'"  sing N N 11  
DA  "C4'" "C3'"  sing N N 12  
DA  "C4'" "H4'"  sing N N 13  
DA  "O4'" "C1'"  sing N N 14  
DA  "C3'" "O3'"  sing N N 15  
DA  "C3'" "C2'"  sing N N 16  
DA  "C3'" "H3'"  sing N N 17  
DA  "O3'" "HO3'" sing N N 18  
DA  "C2'" "C1'"  sing N N 19  
DA  "C2'" "H2'"  sing N N 20  
DA  "C2'" "H2''" sing N N 21  
DA  "C1'" N9     sing N N 22  
DA  "C1'" "H1'"  sing N N 23  
DA  N9    C8     sing Y N 24  
DA  N9    C4     sing Y N 25  
DA  C8    N7     doub Y N 26  
DA  C8    H8     sing N N 27  
DA  N7    C5     sing Y N 28  
DA  C5    C6     sing Y N 29  
DA  C5    C4     doub Y N 30  
DA  C6    N6     sing N N 31  
DA  C6    N1     doub Y N 32  
DA  N6    H61    sing N N 33  
DA  N6    H62    sing N N 34  
DA  N1    C2     sing Y N 35  
DA  C2    N3     doub Y N 36  
DA  C2    H2     sing N N 37  
DA  N3    C4     sing Y N 38  
DC  OP3   P      sing N N 39  
DC  OP3   HOP3   sing N N 40  
DC  P     OP1    doub N N 41  
DC  P     OP2    sing N N 42  
DC  P     "O5'"  sing N N 43  
DC  OP2   HOP2   sing N N 44  
DC  "O5'" "C5'"  sing N N 45  
DC  "C5'" "C4'"  sing N N 46  
DC  "C5'" "H5'"  sing N N 47  
DC  "C5'" "H5''" sing N N 48  
DC  "C4'" "O4'"  sing N N 49  
DC  "C4'" "C3'"  sing N N 50  
DC  "C4'" "H4'"  sing N N 51  
DC  "O4'" "C1'"  sing N N 52  
DC  "C3'" "O3'"  sing N N 53  
DC  "C3'" "C2'"  sing N N 54  
DC  "C3'" "H3'"  sing N N 55  
DC  "O3'" "HO3'" sing N N 56  
DC  "C2'" "C1'"  sing N N 57  
DC  "C2'" "H2'"  sing N N 58  
DC  "C2'" "H2''" sing N N 59  
DC  "C1'" N1     sing N N 60  
DC  "C1'" "H1'"  sing N N 61  
DC  N1    C2     sing N N 62  
DC  N1    C6     sing N N 63  
DC  C2    O2     doub N N 64  
DC  C2    N3     sing N N 65  
DC  N3    C4     doub N N 66  
DC  C4    N4     sing N N 67  
DC  C4    C5     sing N N 68  
DC  N4    H41    sing N N 69  
DC  N4    H42    sing N N 70  
DC  C5    C6     doub N N 71  
DC  C5    H5     sing N N 72  
DC  C6    H6     sing N N 73  
DG  OP3   P      sing N N 74  
DG  OP3   HOP3   sing N N 75  
DG  P     OP1    doub N N 76  
DG  P     OP2    sing N N 77  
DG  P     "O5'"  sing N N 78  
DG  OP2   HOP2   sing N N 79  
DG  "O5'" "C5'"  sing N N 80  
DG  "C5'" "C4'"  sing N N 81  
DG  "C5'" "H5'"  sing N N 82  
DG  "C5'" "H5''" sing N N 83  
DG  "C4'" "O4'"  sing N N 84  
DG  "C4'" "C3'"  sing N N 85  
DG  "C4'" "H4'"  sing N N 86  
DG  "O4'" "C1'"  sing N N 87  
DG  "C3'" "O3'"  sing N N 88  
DG  "C3'" "C2'"  sing N N 89  
DG  "C3'" "H3'"  sing N N 90  
DG  "O3'" "HO3'" sing N N 91  
DG  "C2'" "C1'"  sing N N 92  
DG  "C2'" "H2'"  sing N N 93  
DG  "C2'" "H2''" sing N N 94  
DG  "C1'" N9     sing N N 95  
DG  "C1'" "H1'"  sing N N 96  
DG  N9    C8     sing Y N 97  
DG  N9    C4     sing Y N 98  
DG  C8    N7     doub Y N 99  
DG  C8    H8     sing N N 100 
DG  N7    C5     sing Y N 101 
DG  C5    C6     sing N N 102 
DG  C5    C4     doub Y N 103 
DG  C6    O6     doub N N 104 
DG  C6    N1     sing N N 105 
DG  N1    C2     sing N N 106 
DG  N1    H1     sing N N 107 
DG  C2    N2     sing N N 108 
DG  C2    N3     doub N N 109 
DG  N2    H21    sing N N 110 
DG  N2    H22    sing N N 111 
DG  N3    C4     sing N N 112 
DT  OP3   P      sing N N 113 
DT  OP3   HOP3   sing N N 114 
DT  P     OP1    doub N N 115 
DT  P     OP2    sing N N 116 
DT  P     "O5'"  sing N N 117 
DT  OP2   HOP2   sing N N 118 
DT  "O5'" "C5'"  sing N N 119 
DT  "C5'" "C4'"  sing N N 120 
DT  "C5'" "H5'"  sing N N 121 
DT  "C5'" "H5''" sing N N 122 
DT  "C4'" "O4'"  sing N N 123 
DT  "C4'" "C3'"  sing N N 124 
DT  "C4'" "H4'"  sing N N 125 
DT  "O4'" "C1'"  sing N N 126 
DT  "C3'" "O3'"  sing N N 127 
DT  "C3'" "C2'"  sing N N 128 
DT  "C3'" "H3'"  sing N N 129 
DT  "O3'" "HO3'" sing N N 130 
DT  "C2'" "C1'"  sing N N 131 
DT  "C2'" "H2'"  sing N N 132 
DT  "C2'" "H2''" sing N N 133 
DT  "C1'" N1     sing N N 134 
DT  "C1'" "H1'"  sing N N 135 
DT  N1    C2     sing N N 136 
DT  N1    C6     sing N N 137 
DT  C2    O2     doub N N 138 
DT  C2    N3     sing N N 139 
DT  N3    C4     sing N N 140 
DT  N3    H3     sing N N 141 
DT  C4    O4     doub N N 142 
DT  C4    C5     sing N N 143 
DT  C5    C7     sing N N 144 
DT  C5    C6     doub N N 145 
DT  C7    H71    sing N N 146 
DT  C7    H72    sing N N 147 
DT  C7    H73    sing N N 148 
DT  C6    H6     sing N N 149 
HOH O     H1     sing N N 150 
HOH O     H2     sing N N 151 
NCO CO    N1     sing N N 152 
NCO CO    N2     sing N N 153 
NCO CO    N3     sing N N 154 
NCO CO    N4     sing N N 155 
NCO CO    N5     sing N N 156 
NCO CO    N6     sing N N 157 
NCO N1    HN11   sing N N 158 
NCO N1    HN12   sing N N 159 
NCO N1    HN13   sing N N 160 
NCO N2    HN21   sing N N 161 
NCO N2    HN22   sing N N 162 
NCO N2    HN23   sing N N 163 
NCO N3    HN31   sing N N 164 
NCO N3    HN32   sing N N 165 
NCO N3    HN33   sing N N 166 
NCO N4    HN41   sing N N 167 
NCO N4    HN42   sing N N 168 
NCO N4    HN43   sing N N 169 
NCO N5    HN51   sing N N 170 
NCO N5    HN52   sing N N 171 
NCO N5    HN53   sing N N 172 
NCO N6    HN61   sing N N 173 
NCO N6    HN62   sing N N 174 
NCO N6    HN63   sing N N 175 
# 
loop_
_ndb_struct_conf_na.entry_id 
_ndb_struct_conf_na.feature 
1D8X 'double helix'         
1D8X 'b-form double helix'  
1D8X 'mismatched base pair' 
# 
loop_
_ndb_struct_na_base_pair.model_number 
_ndb_struct_na_base_pair.i_label_asym_id 
_ndb_struct_na_base_pair.i_label_comp_id 
_ndb_struct_na_base_pair.i_label_seq_id 
_ndb_struct_na_base_pair.i_symmetry 
_ndb_struct_na_base_pair.j_label_asym_id 
_ndb_struct_na_base_pair.j_label_comp_id 
_ndb_struct_na_base_pair.j_label_seq_id 
_ndb_struct_na_base_pair.j_symmetry 
_ndb_struct_na_base_pair.shear 
_ndb_struct_na_base_pair.stretch 
_ndb_struct_na_base_pair.stagger 
_ndb_struct_na_base_pair.buckle 
_ndb_struct_na_base_pair.propeller 
_ndb_struct_na_base_pair.opening 
_ndb_struct_na_base_pair.pair_number 
_ndb_struct_na_base_pair.pair_name 
_ndb_struct_na_base_pair.i_auth_asym_id 
_ndb_struct_na_base_pair.i_auth_seq_id 
_ndb_struct_na_base_pair.i_PDB_ins_code 
_ndb_struct_na_base_pair.j_auth_asym_id 
_ndb_struct_na_base_pair.j_auth_seq_id 
_ndb_struct_na_base_pair.j_PDB_ins_code 
_ndb_struct_na_base_pair.hbond_type_28 
_ndb_struct_na_base_pair.hbond_type_12 
1 A DC 1  1_555 B DG 10 1_555 0.103  -0.053 0.112  0.294   -6.065 -1.714 1  A_DC1:DG20_B  A 1  ? B 20 ? 19 1 
1 A DC 2  1_555 B DG 9  1_555 0.321  -0.075 -0.122 5.782   9.555  -0.015 2  A_DC2:DG19_B  A 2  ? B 19 ? 19 1 
1 A DG 3  1_555 B DA 8  1_555 6.536  -4.340 0.568  34.320  3.911  4.702  3  A_DG3:DA18_B  A 3  ? B 18 ? 11 9 
1 A DA 4  1_555 B DG 7  1_555 -6.601 -4.171 0.961  -42.679 -9.392 4.643  4  A_DA4:DG17_B  A 4  ? B 17 ? 11 9 
1 A DA 5  1_555 B DT 6  1_555 0.129  -0.135 0.025  -14.987 14.930 2.750  5  A_DA5:DT16_B  A 5  ? B 16 ? 20 1 
1 A DT 6  1_555 B DA 5  1_555 0.049  -0.074 0.117  12.912  9.833  0.804  6  A_DT6:DA15_B  A 6  ? B 15 ? 20 1 
1 A DG 7  1_555 B DA 4  1_555 6.502  -4.223 1.044  38.614  -5.772 6.814  7  A_DG7:DA14_B  A 7  ? B 14 ? 11 9 
1 A DA 8  1_555 B DG 3  1_555 -6.516 -4.370 0.839  -31.656 -1.622 6.447  8  A_DA8:DG13_B  A 8  ? B 13 ? 11 9 
1 A DG 9  1_555 B DC 2  1_555 -0.218 -0.112 -0.271 -5.507  7.126  -0.993 9  A_DG9:DC12_B  A 9  ? B 12 ? 19 1 
1 A DG 10 1_555 B DC 1  1_555 -0.086 -0.010 0.262  4.248   -9.274 -0.577 10 A_DG10:DC11_B A 10 ? B 11 ? 19 1 
# 
loop_
_ndb_struct_na_base_pair_step.model_number 
_ndb_struct_na_base_pair_step.i_label_asym_id_1 
_ndb_struct_na_base_pair_step.i_label_comp_id_1 
_ndb_struct_na_base_pair_step.i_label_seq_id_1 
_ndb_struct_na_base_pair_step.i_symmetry_1 
_ndb_struct_na_base_pair_step.j_label_asym_id_1 
_ndb_struct_na_base_pair_step.j_label_comp_id_1 
_ndb_struct_na_base_pair_step.j_label_seq_id_1 
_ndb_struct_na_base_pair_step.j_symmetry_1 
_ndb_struct_na_base_pair_step.i_label_asym_id_2 
_ndb_struct_na_base_pair_step.i_label_comp_id_2 
_ndb_struct_na_base_pair_step.i_label_seq_id_2 
_ndb_struct_na_base_pair_step.i_symmetry_2 
_ndb_struct_na_base_pair_step.j_label_asym_id_2 
_ndb_struct_na_base_pair_step.j_label_comp_id_2 
_ndb_struct_na_base_pair_step.j_label_seq_id_2 
_ndb_struct_na_base_pair_step.j_symmetry_2 
_ndb_struct_na_base_pair_step.shift 
_ndb_struct_na_base_pair_step.slide 
_ndb_struct_na_base_pair_step.rise 
_ndb_struct_na_base_pair_step.tilt 
_ndb_struct_na_base_pair_step.roll 
_ndb_struct_na_base_pair_step.twist 
_ndb_struct_na_base_pair_step.x_displacement 
_ndb_struct_na_base_pair_step.y_displacement 
_ndb_struct_na_base_pair_step.helical_rise 
_ndb_struct_na_base_pair_step.inclination 
_ndb_struct_na_base_pair_step.tip 
_ndb_struct_na_base_pair_step.helical_twist 
_ndb_struct_na_base_pair_step.step_number 
_ndb_struct_na_base_pair_step.step_name 
_ndb_struct_na_base_pair_step.i_auth_asym_id_1 
_ndb_struct_na_base_pair_step.i_auth_seq_id_1 
_ndb_struct_na_base_pair_step.i_PDB_ins_code_1 
_ndb_struct_na_base_pair_step.j_auth_asym_id_1 
_ndb_struct_na_base_pair_step.j_auth_seq_id_1 
_ndb_struct_na_base_pair_step.j_PDB_ins_code_1 
_ndb_struct_na_base_pair_step.i_auth_asym_id_2 
_ndb_struct_na_base_pair_step.i_auth_seq_id_2 
_ndb_struct_na_base_pair_step.i_PDB_ins_code_2 
_ndb_struct_na_base_pair_step.j_auth_asym_id_2 
_ndb_struct_na_base_pair_step.j_auth_seq_id_2 
_ndb_struct_na_base_pair_step.j_PDB_ins_code_2 
1 A DC 1 1_555 B DG 10 1_555 A DC 2  1_555 B DG 9 1_555 1.176  0.332  3.383 8.109  12.132 35.537 -1.156 -0.680  3.488 18.923 
-12.648 38.327 1 AA_DC1DC2:DG19DG20_BB  A 1 ? B 20 ? A 2  ? B 19 ? 
1 A DC 2 1_555 B DG 9  1_555 A DG 3  1_555 B DA 8 1_555 0.730  1.439  2.992 -1.551 5.025  56.661 1.252  -0.846  3.079 5.282  1.630 
56.884 2 AA_DC2DG3:DA18DG19_BB  A 2 ? B 19 ? A 3  ? B 18 ? 
1 A DG 3 1_555 B DA 8  1_555 A DA 4  1_555 B DG 7 1_555 0.075  -1.320 5.254 -1.716 -1.623 -2.586 58.923 -38.230 3.305 29.138 
-30.810 -3.502 3 AA_DG3DA4:DG17DA18_BB  A 3 ? B 18 ? A 4  ? B 17 ? 
1 A DA 4 1_555 B DG 7  1_555 A DA 5  1_555 B DT 6 1_555 -0.436 1.209  3.141 -0.373 2.358  67.096 1.005  0.380   3.179 2.133  0.338 
67.133 4 AA_DA4DA5:DT16DG17_BB  A 4 ? B 17 ? A 5  ? B 16 ? 
1 A DA 5 1_555 B DT 6  1_555 A DT 6  1_555 B DA 5 1_555 0.056  -0.544 3.001 -0.300 5.635  19.499 -3.826 -0.280  2.735 16.203 0.862 
20.292 5 AA_DA5DT6:DA15DT16_BB  A 5 ? B 16 ? A 6  ? B 15 ? 
1 A DT 6 1_555 B DA 5  1_555 A DG 7  1_555 B DA 4 1_555 0.790  0.859  3.101 1.616  6.974  61.161 0.524  -0.699  3.190 6.829  
-1.582  61.538 6 AA_DT6DG7:DA14DA15_BB  A 6 ? B 15 ? A 7  ? B 14 ? 
1 A DG 7 1_555 B DA 4  1_555 A DA 8  1_555 B DG 3 1_555 0.026  -1.716 5.114 1.229  -2.298 -3.319 57.228 18.487  3.082 33.637 
17.986  -4.219 7 AA_DG7DA8:DG13DA14_BB  A 7 ? B 14 ? A 8  ? B 13 ? 
1 A DA 8 1_555 B DG 3  1_555 A DG 9  1_555 B DC 2 1_555 -0.873 1.551  3.014 6.210  6.883  57.376 1.257  1.208   3.064 7.118  
-6.422  58.057 8 AA_DA8DG9:DC12DG13_BB  A 8 ? B 13 ? A 9  ? B 12 ? 
1 A DG 9 1_555 B DC 2  1_555 A DG 10 1_555 B DC 1 1_555 -1.262 1.499  3.346 -7.490 4.840  33.857 1.694  0.861   3.705 8.137  
12.591  34.978 9 AA_DG9DG10:DC11DC12_BB A 9 ? B 12 ? A 10 ? B 11 ? 
# 
_atom_sites.entry_id                    1D8X 
_atom_sites.fract_transf_matrix[1][1]   0.00773504 
_atom_sites.fract_transf_matrix[1][2]   -0.00944719 
_atom_sites.fract_transf_matrix[1][3]   -0.01101363 
_atom_sites.fract_transf_matrix[2][1]   -0.01849194 
_atom_sites.fract_transf_matrix[2][2]   0.00770408 
_atom_sites.fract_transf_matrix[2][3]   -0.01959551 
_atom_sites.fract_transf_matrix[3][1]   0.03144739 
_atom_sites.fract_transf_matrix[3][2]   0.02775786 
_atom_sites.fract_transf_matrix[3][3]   -0.01876319 
_atom_sites.fract_transf_vector[1]      0.251285 
_atom_sites.fract_transf_vector[2]      0.012089 
_atom_sites.fract_transf_vector[3]      0.273221 
# 
loop_
_atom_type.symbol 
C  
CO 
MG 
N  
O  
P  
# 
loop_
_atom_site.group_PDB 
_atom_site.id 
_atom_site.type_symbol 
_atom_site.label_atom_id 
_atom_site.label_alt_id 
_atom_site.label_comp_id 
_atom_site.label_asym_id 
_atom_site.label_entity_id 
_atom_site.label_seq_id 
_atom_site.pdbx_PDB_ins_code 
_atom_site.Cartn_x 
_atom_site.Cartn_y 
_atom_site.Cartn_z 
_atom_site.occupancy 
_atom_site.B_iso_or_equiv 
_atom_site.pdbx_formal_charge 
_atom_site.auth_seq_id 
_atom_site.auth_comp_id 
_atom_site.auth_asym_id 
_atom_site.auth_atom_id 
_atom_site.pdbx_PDB_model_num 
ATOM   1   O  "O5'" . DC  A 1 1  ? -1.607  -17.244 1.554   1.00 22.70 ? 1   DC  A "O5'" 1 
ATOM   2   C  "C5'" . DC  A 1 1  ? -0.881  -18.250 2.314   1.00 17.50 ? 1   DC  A "C5'" 1 
ATOM   3   C  "C4'" . DC  A 1 1  ? 0.604   -18.138 2.032   1.00 15.60 ? 1   DC  A "C4'" 1 
ATOM   4   O  "O4'" . DC  A 1 1  ? 0.821   -18.473 0.626   1.00 17.03 ? 1   DC  A "O4'" 1 
ATOM   5   C  "C3'" . DC  A 1 1  ? 1.189   -16.723 2.193   1.00 16.13 ? 1   DC  A "C3'" 1 
ATOM   6   O  "O3'" . DC  A 1 1  ? 1.499   -16.534 3.572   1.00 16.66 ? 1   DC  A "O3'" 1 
ATOM   7   C  "C2'" . DC  A 1 1  ? 2.383   -16.789 1.259   1.00 14.84 ? 1   DC  A "C2'" 1 
ATOM   8   C  "C1'" . DC  A 1 1  ? 1.887   -17.691 0.133   1.00 15.99 ? 1   DC  A "C1'" 1 
ATOM   9   N  N1    . DC  A 1 1  ? 1.491   -17.093 -1.153  1.00 14.49 ? 1   DC  A N1    1 
ATOM   10  C  C2    . DC  A 1 1  ? 2.419   -16.743 -2.120  1.00 14.21 ? 1   DC  A C2    1 
ATOM   11  O  O2    . DC  A 1 1  ? 3.621   -16.914 -1.865  1.00 13.71 ? 1   DC  A O2    1 
ATOM   12  N  N3    . DC  A 1 1  ? 2.015   -16.262 -3.320  1.00 14.36 ? 1   DC  A N3    1 
ATOM   13  C  C4    . DC  A 1 1  ? 0.737   -16.040 -3.605  1.00 14.98 ? 1   DC  A C4    1 
ATOM   14  N  N4    . DC  A 1 1  ? 0.365   -15.516 -4.779  1.00 17.65 ? 1   DC  A N4    1 
ATOM   15  C  C5    . DC  A 1 1  ? -0.229  -16.373 -2.605  1.00 14.02 ? 1   DC  A C5    1 
ATOM   16  C  C6    . DC  A 1 1  ? 0.162   -16.929 -1.451  1.00 15.09 ? 1   DC  A C6    1 
ATOM   17  P  P     . DC  A 1 2  ? 1.402   -15.034 4.179   1.00 16.80 ? 2   DC  A P     1 
ATOM   18  O  OP1   . DC  A 1 2  ? 1.697   -15.200 5.626   1.00 19.66 ? 2   DC  A OP1   1 
ATOM   19  O  OP2   . DC  A 1 2  ? 0.144   -14.395 3.778   1.00 18.71 ? 2   DC  A OP2   1 
ATOM   20  O  "O5'" . DC  A 1 2  ? 2.556   -14.176 3.518   1.00 18.17 ? 2   DC  A "O5'" 1 
ATOM   21  C  "C5'" . DC  A 1 2  ? 3.959   -14.552 3.683   1.00 19.03 ? 2   DC  A "C5'" 1 
ATOM   22  C  "C4'" . DC  A 1 2  ? 4.750   -13.597 2.813   1.00 19.13 ? 2   DC  A "C4'" 1 
ATOM   23  O  "O4'" . DC  A 1 2  ? 4.312   -13.683 1.435   1.00 17.83 ? 2   DC  A "O4'" 1 
ATOM   24  C  "C3'" . DC  A 1 2  ? 4.626   -12.122 3.188   1.00 19.56 ? 2   DC  A "C3'" 1 
ATOM   25  O  "O3'" . DC  A 1 2  ? 5.923   -11.583 2.930   1.00 20.78 ? 2   DC  A "O3'" 1 
ATOM   26  C  "C2'" . DC  A 1 2  ? 3.600   -11.579 2.216   1.00 19.19 ? 2   DC  A "C2'" 1 
ATOM   27  C  "C1'" . DC  A 1 2  ? 3.853   -12.416 0.977   1.00 16.41 ? 2   DC  A "C1'" 1 
ATOM   28  N  N1    . DC  A 1 2  ? 2.730   -12.665 0.063   1.00 16.08 ? 2   DC  A N1    1 
ATOM   29  C  C2    . DC  A 1 2  ? 2.920   -12.489 -1.304  1.00 15.86 ? 2   DC  A C2    1 
ATOM   30  O  O2    . DC  A 1 2  ? 4.050   -12.226 -1.691  1.00 17.89 ? 2   DC  A O2    1 
ATOM   31  N  N3    . DC  A 1 2  ? 1.876   -12.640 -2.143  1.00 16.23 ? 2   DC  A N3    1 
ATOM   32  C  C4    . DC  A 1 2  ? 0.649   -12.929 -1.691  1.00 15.03 ? 2   DC  A C4    1 
ATOM   33  N  N4    . DC  A 1 2  ? -0.368  -12.945 -2.532  1.00 16.63 ? 2   DC  A N4    1 
ATOM   34  C  C5    . DC  A 1 2  ? 0.438   -13.217 -0.310  1.00 14.37 ? 2   DC  A C5    1 
ATOM   35  C  C6    . DC  A 1 2  ? 1.485   -13.001 0.506   1.00 16.31 ? 2   DC  A C6    1 
ATOM   36  P  P     . DG  A 1 3  ? 6.373   -10.098 3.271   1.00 22.72 ? 3   DG  A P     1 
ATOM   37  O  OP1   . DG  A 1 3  ? 7.860   -10.094 3.087   1.00 24.17 ? 3   DG  A OP1   1 
ATOM   38  O  OP2   . DG  A 1 3  ? 5.753   -9.729  4.571   1.00 23.96 ? 3   DG  A OP2   1 
ATOM   39  O  "O5'" . DG  A 1 3  ? 5.615   -9.189  2.198   1.00 19.89 ? 3   DG  A "O5'" 1 
ATOM   40  C  "C5'" . DG  A 1 3  ? 6.083   -9.037  0.850   1.00 19.76 ? 3   DG  A "C5'" 1 
ATOM   41  C  "C4'" . DG  A 1 3  ? 5.086   -8.251  0.030   1.00 18.11 ? 3   DG  A "C4'" 1 
ATOM   42  O  "O4'" . DG  A 1 3  ? 3.781   -8.910  -0.010  1.00 16.36 ? 3   DG  A "O4'" 1 
ATOM   43  C  "C3'" . DG  A 1 3  ? 4.815   -6.835  0.608   1.00 19.73 ? 3   DG  A "C3'" 1 
ATOM   44  O  "O3'" . DG  A 1 3  ? 4.825   -5.959  -0.541  1.00 23.66 ? 3   DG  A "O3'" 1 
ATOM   45  C  "C2'" . DG  A 1 3  ? 3.415   -6.977  1.177   1.00 17.93 ? 3   DG  A "C2'" 1 
ATOM   46  C  "C1'" . DG  A 1 3  ? 2.761   -7.952  0.196   1.00 16.05 ? 3   DG  A "C1'" 1 
ATOM   47  N  N9    . DG  A 1 3  ? 1.609   -8.658  0.745   1.00 15.96 ? 3   DG  A N9    1 
ATOM   48  C  C8    . DG  A 1 3  ? 1.268   -8.963  2.024   1.00 19.19 ? 3   DG  A C8    1 
ATOM   49  N  N7    . DG  A 1 3  ? 0.109   -9.575  2.121   1.00 15.29 ? 3   DG  A N7    1 
ATOM   50  C  C5    . DG  A 1 3  ? -0.318  -9.656  0.794   1.00 13.93 ? 3   DG  A C5    1 
ATOM   51  C  C6    . DG  A 1 3  ? -1.530  -10.259 0.331   1.00 19.18 ? 3   DG  A C6    1 
ATOM   52  O  O6    . DG  A 1 3  ? -2.408  -10.801 1.017   1.00 18.16 ? 3   DG  A O6    1 
ATOM   53  N  N1    . DG  A 1 3  ? -1.581  -10.188 -1.064  1.00 16.84 ? 3   DG  A N1    1 
ATOM   54  C  C2    . DG  A 1 3  ? -0.618  -9.608  -1.859  1.00 14.40 ? 3   DG  A C2    1 
ATOM   55  N  N2    . DG  A 1 3  ? -0.875  -9.629  -3.190  1.00 16.80 ? 3   DG  A N2    1 
ATOM   56  N  N3    . DG  A 1 3  ? 0.513   -9.089  -1.409  1.00 17.16 ? 3   DG  A N3    1 
ATOM   57  C  C4    . DG  A 1 3  ? 0.575   -9.082  -0.069  1.00 13.93 ? 3   DG  A C4    1 
ATOM   58  P  P     . DA  A 1 4  ? 5.085   -4.374  -0.376  1.00 27.85 ? 4   DA  A P     1 
ATOM   59  O  OP1   . DA  A 1 4  ? 6.246   -4.256  0.530   1.00 39.16 ? 4   DA  A OP1   1 
ATOM   60  O  OP2   . DA  A 1 4  ? 3.767   -3.727  -0.169  1.00 36.70 ? 4   DA  A OP2   1 
ATOM   61  O  "O5'" . DA  A 1 4  ? 5.616   -3.967  -1.820  1.00 25.11 ? 4   DA  A "O5'" 1 
ATOM   62  C  "C5'" . DA  A 1 4  ? 6.880   -4.502  -2.296  1.00 23.56 ? 4   DA  A "C5'" 1 
ATOM   63  C  "C4'" . DA  A 1 4  ? 6.821   -4.478  -3.813  1.00 21.31 ? 4   DA  A "C4'" 1 
ATOM   64  O  "O4'" . DA  A 1 4  ? 5.813   -5.417  -4.258  1.00 21.79 ? 4   DA  A "O4'" 1 
ATOM   65  C  "C3'" . DA  A 1 4  ? 6.386   -3.116  -4.372  1.00 18.59 ? 4   DA  A "C3'" 1 
ATOM   66  O  "O3'" . DA  A 1 4  ? 7.618   -2.520  -4.854  1.00 18.67 ? 4   DA  A "O3'" 1 
ATOM   67  C  "C2'" . DA  A 1 4  ? 5.488   -3.476  -5.544  1.00 19.35 ? 4   DA  A "C2'" 1 
ATOM   68  C  "C1'" . DA  A 1 4  ? 4.926   -4.821  -5.187  1.00 19.21 ? 4   DA  A "C1'" 1 
ATOM   69  N  N9    . DA  A 1 4  ? 3.610   -4.715  -4.561  1.00 19.97 ? 4   DA  A N9    1 
ATOM   70  C  C8    . DA  A 1 4  ? 3.221   -5.154  -3.322  1.00 19.47 ? 4   DA  A C8    1 
ATOM   71  N  N7    . DA  A 1 4  ? 1.938   -4.964  -3.030  1.00 22.20 ? 4   DA  A N7    1 
ATOM   72  C  C5    . DA  A 1 4  ? 1.424   -4.402  -4.185  1.00 19.49 ? 4   DA  A C5    1 
ATOM   73  C  C6    . DA  A 1 4  ? 0.139   -3.967  -4.568  1.00 22.19 ? 4   DA  A C6    1 
ATOM   74  N  N6    . DA  A 1 4  ? -0.953  -4.248  -3.842  1.00 20.42 ? 4   DA  A N6    1 
ATOM   75  N  N1    . DA  A 1 4  ? 0.011   -3.549  -5.854  1.00 21.00 ? 4   DA  A N1    1 
ATOM   76  C  C2    . DA  A 1 4  ? 1.094   -3.422  -6.608  1.00 21.59 ? 4   DA  A C2    1 
ATOM   77  N  N3    . DA  A 1 4  ? 2.361   -3.731  -6.351  1.00 20.14 ? 4   DA  A N3    1 
ATOM   78  C  C4    . DA  A 1 4  ? 2.445   -4.195  -5.086  1.00 19.98 ? 4   DA  A C4    1 
ATOM   79  P  P     . DA  A 1 5  ? 7.813   -0.950  -4.528  1.00 18.48 ? 5   DA  A P     1 
ATOM   80  O  OP1   . DA  A 1 5  ? 9.110   -0.575  -5.153  1.00 19.51 ? 5   DA  A OP1   1 
ATOM   81  O  OP2   . DA  A 1 5  ? 7.602   -0.688  -3.073  1.00 20.43 ? 5   DA  A OP2   1 
ATOM   82  O  "O5'" . DA  A 1 5  ? 6.600   -0.248  -5.270  1.00 18.16 ? 5   DA  A "O5'" 1 
ATOM   83  C  "C5'" . DA  A 1 5  ? 6.513   -0.178  -6.715  1.00 20.51 ? 5   DA  A "C5'" 1 
ATOM   84  C  "C4'" . DA  A 1 5  ? 5.065   0.138   -7.079  1.00 22.50 ? 5   DA  A "C4'" 1 
ATOM   85  O  "O4'" . DA  A 1 5  ? 4.167   -0.846  -6.535  1.00 24.55 ? 5   DA  A "O4'" 1 
ATOM   86  C  "C3'" . DA  A 1 5  ? 4.537   1.430   -6.417  1.00 24.02 ? 5   DA  A "C3'" 1 
ATOM   87  O  "O3'" . DA  A 1 5  ? 4.885   2.510   -7.271  1.00 24.94 ? 5   DA  A "O3'" 1 
ATOM   88  C  "C2'" . DA  A 1 5  ? 3.030   1.195   -6.514  1.00 25.04 ? 5   DA  A "C2'" 1 
ATOM   89  C  "C1'" . DA  A 1 5  ? 2.900   -0.280  -6.185  1.00 24.41 ? 5   DA  A "C1'" 1 
ATOM   90  N  N9    . DA  A 1 5  ? 2.748   -0.518  -4.751  1.00 24.09 ? 5   DA  A N9    1 
ATOM   91  C  C8    . DA  A 1 5  ? 3.804   -0.806  -3.916  1.00 26.25 ? 5   DA  A C8    1 
ATOM   92  N  N7    . DA  A 1 5  ? 3.452   -1.107  -2.699  1.00 23.13 ? 5   DA  A N7    1 
ATOM   93  C  C5    . DA  A 1 5  ? 2.064   -1.091  -2.730  1.00 21.70 ? 5   DA  A C5    1 
ATOM   94  C  C6    . DA  A 1 5  ? 1.087   -1.445  -1.780  1.00 21.42 ? 5   DA  A C6    1 
ATOM   95  N  N6    . DA  A 1 5  ? 1.265   -1.977  -0.562  1.00 22.80 ? 5   DA  A N6    1 
ATOM   96  N  N1    . DA  A 1 5  ? -0.217  -1.315  -2.147  1.00 20.19 ? 5   DA  A N1    1 
ATOM   97  C  C2    . DA  A 1 5  ? -0.464  -0.865  -3.388  1.00 22.20 ? 5   DA  A C2    1 
ATOM   98  N  N3    . DA  A 1 5  ? 0.370   -0.532  -4.369  1.00 22.19 ? 5   DA  A N3    1 
ATOM   99  C  C4    . DA  A 1 5  ? 1.636   -0.776  -4.002  1.00 22.55 ? 5   DA  A C4    1 
ATOM   100 P  P     . DT  A 1 6  ? 4.836   4.058   -6.781  1.00 27.16 ? 6   DT  A P     1 
ATOM   101 O  OP1   . DT  A 1 6  ? 5.358   4.823   -7.930  1.00 29.46 ? 6   DT  A OP1   1 
ATOM   102 O  OP2   . DT  A 1 6  ? 5.396   4.224   -5.430  1.00 27.39 ? 6   DT  A OP2   1 
ATOM   103 O  "O5'" . DT  A 1 6  ? 3.267   4.326   -6.650  1.00 25.34 ? 6   DT  A "O5'" 1 
ATOM   104 C  "C5'" . DT  A 1 6  ? 2.392   4.306   -7.784  1.00 24.92 ? 6   DT  A "C5'" 1 
ATOM   105 C  "C4'" . DT  A 1 6  ? 0.968   4.428   -7.278  1.00 22.23 ? 6   DT  A "C4'" 1 
ATOM   106 O  "O4'" . DT  A 1 6  ? 0.724   3.466   -6.220  1.00 21.01 ? 6   DT  A "O4'" 1 
ATOM   107 C  "C3'" . DT  A 1 6  ? 0.547   5.775   -6.688  1.00 21.22 ? 6   DT  A "C3'" 1 
ATOM   108 O  "O3'" . DT  A 1 6  ? -0.811  6.035   -7.010  1.00 25.02 ? 6   DT  A "O3'" 1 
ATOM   109 C  "C2'" . DT  A 1 6  ? 0.772   5.574   -5.203  1.00 20.79 ? 6   DT  A "C2'" 1 
ATOM   110 C  "C1'" . DT  A 1 6  ? 0.220   4.159   -5.068  1.00 18.84 ? 6   DT  A "C1'" 1 
ATOM   111 N  N1    . DT  A 1 6  ? 0.631   3.367   -3.895  1.00 19.08 ? 6   DT  A N1    1 
ATOM   112 C  C2    . DT  A 1 6  ? -0.313  2.828   -3.074  1.00 17.98 ? 6   DT  A C2    1 
ATOM   113 O  O2    . DT  A 1 6  ? -1.506  2.857   -3.336  1.00 20.17 ? 6   DT  A O2    1 
ATOM   114 N  N3    . DT  A 1 6  ? 0.181   2.215   -1.940  1.00 17.40 ? 6   DT  A N3    1 
ATOM   115 C  C4    . DT  A 1 6  ? 1.493   2.245   -1.494  1.00 16.79 ? 6   DT  A C4    1 
ATOM   116 O  O4    . DT  A 1 6  ? 1.842   1.641   -0.479  1.00 17.02 ? 6   DT  A O4    1 
ATOM   117 C  C5    . DT  A 1 6  ? 2.450   2.775   -2.448  1.00 17.66 ? 6   DT  A C5    1 
ATOM   118 C  C7    . DT  A 1 6  ? 3.929   2.641   -2.216  1.00 18.57 ? 6   DT  A C7    1 
ATOM   119 C  C6    . DT  A 1 6  ? 1.988   3.306   -3.590  1.00 20.65 ? 6   DT  A C6    1 
ATOM   120 P  P     . DG  A 1 7  ? -1.550  7.432   -6.748  1.00 21.44 ? 7   DG  A P     1 
ATOM   121 O  OP1   . DG  A 1 7  ? -2.851  7.382   -7.430  1.00 27.28 ? 7   DG  A OP1   1 
ATOM   122 O  OP2   . DG  A 1 7  ? -0.613  8.567   -6.843  1.00 26.99 ? 7   DG  A OP2   1 
ATOM   123 O  "O5'" . DG  A 1 7  ? -1.821  7.439   -5.164  1.00 21.92 ? 7   DG  A "O5'" 1 
ATOM   124 C  "C5'" . DG  A 1 7  ? -2.815  6.580   -4.539  1.00 18.46 ? 7   DG  A "C5'" 1 
ATOM   125 C  "C4'" . DG  A 1 7  ? -2.759  6.853   -3.043  1.00 17.39 ? 7   DG  A "C4'" 1 
ATOM   126 O  "O4'" . DG  A 1 7  ? -1.503  6.287   -2.546  1.00 17.42 ? 7   DG  A "O4'" 1 
ATOM   127 C  "C3'" . DG  A 1 7  ? -2.756  8.337   -2.652  1.00 16.96 ? 7   DG  A "C3'" 1 
ATOM   128 O  "O3'" . DG  A 1 7  ? -3.667  8.486   -1.539  1.00 16.93 ? 7   DG  A "O3'" 1 
ATOM   129 C  "C2'" . DG  A 1 7  ? -1.376  8.597   -2.085  1.00 16.61 ? 7   DG  A "C2'" 1 
ATOM   130 C  "C1'" . DG  A 1 7  ? -0.949  7.228   -1.631  1.00 17.48 ? 7   DG  A "C1'" 1 
ATOM   131 N  N9    . DG  A 1 7  ? 0.496   7.051   -1.495  1.00 19.03 ? 7   DG  A N9    1 
ATOM   132 C  C8    . DG  A 1 7  ? 1.507   7.623   -2.254  1.00 19.05 ? 7   DG  A C8    1 
ATOM   133 N  N7    . DG  A 1 7  ? 2.678   7.161   -1.922  1.00 19.49 ? 7   DG  A N7    1 
ATOM   134 C  C5    . DG  A 1 7  ? 2.440   6.328   -0.842  1.00 17.85 ? 7   DG  A C5    1 
ATOM   135 C  C6    . DG  A 1 7  ? 3.339   5.469   -0.155  1.00 18.34 ? 7   DG  A C6    1 
ATOM   136 O  O6    . DG  A 1 7  ? 4.573   5.470   -0.221  1.00 18.91 ? 7   DG  A O6    1 
ATOM   137 N  N1    . DG  A 1 7  ? 2.717   4.768   0.880   1.00 15.46 ? 7   DG  A N1    1 
ATOM   138 C  C2    . DG  A 1 7  ? 1.347   4.808   1.054   1.00 16.07 ? 7   DG  A C2    1 
ATOM   139 N  N2    . DG  A 1 7  ? 0.934   4.020   2.046   1.00 16.43 ? 7   DG  A N2    1 
ATOM   140 N  N3    . DG  A 1 7  ? 0.462   5.465   0.349   1.00 17.98 ? 7   DG  A N3    1 
ATOM   141 C  C4    . DG  A 1 7  ? 1.091   6.272   -0.548  1.00 19.52 ? 7   DG  A C4    1 
ATOM   142 P  P     . DA  A 1 8  ? -4.740  9.682   -1.540  1.00 17.68 ? 8   DA  A P     1 
ATOM   143 O  OP1   . DA  A 1 8  ? -5.419  9.707   -2.836  1.00 18.38 ? 8   DA  A OP1   1 
ATOM   144 O  OP2   . DA  A 1 8  ? -4.050  10.862  -1.001  1.00 20.77 ? 8   DA  A OP2   1 
ATOM   145 O  "O5'" . DA  A 1 8  ? -5.688  9.118   -0.387  1.00 19.05 ? 8   DA  A "O5'" 1 
ATOM   146 C  "C5'" . DA  A 1 8  ? -6.667  8.090   -0.675  1.00 19.85 ? 8   DA  A "C5'" 1 
ATOM   147 C  "C4'" . DA  A 1 8  ? -7.312  7.681   0.644   1.00 17.80 ? 8   DA  A "C4'" 1 
ATOM   148 O  "O4'" . DA  A 1 8  ? -6.296  7.048   1.473   1.00 16.48 ? 8   DA  A "O4'" 1 
ATOM   149 C  "C3'" . DA  A 1 8  ? -7.893  8.827   1.508   1.00 16.74 ? 8   DA  A "C3'" 1 
ATOM   150 O  "O3'" . DA  A 1 8  ? -9.040  8.272   2.177   1.00 17.73 ? 8   DA  A "O3'" 1 
ATOM   151 C  "C2'" . DA  A 1 8  ? -6.747  9.120   2.456   1.00 16.07 ? 8   DA  A "C2'" 1 
ATOM   152 C  "C1'" . DA  A 1 8  ? -6.166  7.732   2.718   1.00 15.78 ? 8   DA  A "C1'" 1 
ATOM   153 N  N9    . DA  A 1 8  ? -4.732  7.777   3.029   1.00 15.53 ? 8   DA  A N9    1 
ATOM   154 C  C8    . DA  A 1 8  ? -3.692  8.104   2.202   1.00 16.26 ? 8   DA  A C8    1 
ATOM   155 N  N7    . DA  A 1 8  ? -2.550  8.048   2.841   1.00 18.49 ? 8   DA  A N7    1 
ATOM   156 C  C5    . DA  A 1 8  ? -2.856  7.799   4.153   1.00 18.07 ? 8   DA  A C5    1 
ATOM   157 C  C6    . DA  A 1 8  ? -2.054  7.773   5.316   1.00 15.59 ? 8   DA  A C6    1 
ATOM   158 N  N6    . DA  A 1 8  ? -0.726  7.884   5.316   1.00 16.52 ? 8   DA  A N6    1 
ATOM   159 N  N1    . DA  A 1 8  ? -2.685  7.474   6.463   1.00 15.07 ? 8   DA  A N1    1 
ATOM   160 C  C2    . DA  A 1 8  ? -4.020  7.329   6.477   1.00 17.53 ? 8   DA  A C2    1 
ATOM   161 N  N3    . DA  A 1 8  ? -4.858  7.404   5.462   1.00 16.46 ? 8   DA  A N3    1 
ATOM   162 C  C4    . DA  A 1 8  ? -4.221  7.620   4.299   1.00 16.02 ? 8   DA  A C4    1 
ATOM   163 P  P     . DG  A 1 9  ? -10.226 9.205   2.787   1.00 16.56 ? 9   DG  A P     1 
ATOM   164 O  OP1   . DG  A 1 9  ? -11.357 8.282   3.140   1.00 16.58 ? 9   DG  A OP1   1 
ATOM   165 O  OP2   . DG  A 1 9  ? -10.503 10.294  1.824   1.00 16.86 ? 9   DG  A OP2   1 
ATOM   166 O  "O5'" . DG  A 1 9  ? -9.556  9.896   4.060   1.00 15.53 ? 9   DG  A "O5'" 1 
ATOM   167 C  "C5'" . DG  A 1 9  ? -9.268  9.092   5.215   1.00 16.98 ? 9   DG  A "C5'" 1 
ATOM   168 C  "C4'" . DG  A 1 9  ? -8.520  9.921   6.243   1.00 15.92 ? 9   DG  A "C4'" 1 
ATOM   169 O  "O4'" . DG  A 1 9  ? -7.147  10.108  5.847   1.00 16.00 ? 9   DG  A "O4'" 1 
ATOM   170 C  "C3'" . DG  A 1 9  ? -9.062  11.331  6.458   1.00 17.29 ? 9   DG  A "C3'" 1 
ATOM   171 O  "O3'" . DG  A 1 9  ? -8.933  11.641  7.873   1.00 20.87 ? 9   DG  A "O3'" 1 
ATOM   172 C  "C2'" . DG  A 1 9  ? -8.087  12.223  5.701   1.00 15.79 ? 9   DG  A "C2'" 1 
ATOM   173 C  "C1'" . DG  A 1 9  ? -6.802  11.482  6.016   1.00 15.76 ? 9   DG  A "C1'" 1 
ATOM   174 N  N9    . DG  A 1 9  ? -5.734  11.773  5.079   1.00 15.36 ? 9   DG  A N9    1 
ATOM   175 C  C8    . DG  A 1 9  ? -5.875  12.175  3.769   1.00 17.85 ? 9   DG  A C8    1 
ATOM   176 N  N7    . DG  A 1 9  ? -4.737  12.237  3.141   1.00 15.30 ? 9   DG  A N7    1 
ATOM   177 C  C5    . DG  A 1 9  ? -3.779  11.827  4.067   1.00 17.40 ? 9   DG  A C5    1 
ATOM   178 C  C6    . DG  A 1 9  ? -2.371  11.656  3.972   1.00 14.38 ? 9   DG  A C6    1 
ATOM   179 O  O6    . DG  A 1 9  ? -1.637  11.906  3.016   1.00 16.47 ? 9   DG  A O6    1 
ATOM   180 N  N1    . DG  A 1 9  ? -1.837  11.224  5.185   1.00 14.66 ? 9   DG  A N1    1 
ATOM   181 C  C2    . DG  A 1 9  ? -2.552  10.946  6.320   1.00 13.70 ? 9   DG  A C2    1 
ATOM   182 N  N2    . DG  A 1 9  ? -1.836  10.519  7.381   1.00 18.37 ? 9   DG  A N2    1 
ATOM   183 N  N3    . DG  A 1 9  ? -3.886  10.975  6.374   1.00 14.28 ? 9   DG  A N3    1 
ATOM   184 C  C4    . DG  A 1 9  ? -4.401  11.515  5.258   1.00 14.80 ? 9   DG  A C4    1 
ATOM   185 P  P     . DG  A 1 10 ? -10.233 11.619  8.840   1.00 19.38 ? 10  DG  A P     1 
ATOM   186 O  OP1   . DG  A 1 10 ? -10.897 10.306  8.634   1.00 21.86 ? 10  DG  A OP1   1 
ATOM   187 O  OP2   . DG  A 1 10 ? -10.934 12.914  8.677   1.00 22.53 ? 10  DG  A OP2   1 
ATOM   188 O  "O5'" . DG  A 1 10 ? -9.585  11.638  10.289  1.00 19.58 ? 10  DG  A "O5'" 1 
ATOM   189 C  "C5'" . DG  A 1 10 ? -8.789  10.565  10.800  1.00 20.13 ? 10  DG  A "C5'" 1 
ATOM   190 C  "C4'" . DG  A 1 10 ? -7.648  11.054  11.653  1.00 19.98 ? 10  DG  A "C4'" 1 
ATOM   191 O  "O4'" . DG  A 1 10 ? -6.530  11.525  10.878  1.00 20.59 ? 10  DG  A "O4'" 1 
ATOM   192 C  "C3'" . DG  A 1 10 ? -8.048  12.194  12.593  1.00 22.32 ? 10  DG  A "C3'" 1 
ATOM   193 O  "O3'" . DG  A 1 10 ? -7.327  11.995  13.829  1.00 21.28 ? 10  DG  A "O3'" 1 
ATOM   194 C  "C2'" . DG  A 1 10 ? -7.517  13.417  11.861  1.00 23.00 ? 10  DG  A "C2'" 1 
ATOM   195 C  "C1'" . DG  A 1 10 ? -6.277  12.901  11.162  1.00 20.61 ? 10  DG  A "C1'" 1 
ATOM   196 N  N9    . DG  A 1 10 ? -5.931  13.540  9.902   1.00 19.81 ? 10  DG  A N9    1 
ATOM   197 C  C8    . DG  A 1 10 ? -6.790  13.991  8.925   1.00 21.21 ? 10  DG  A C8    1 
ATOM   198 N  N7    . DG  A 1 10 ? -6.168  14.384  7.848   1.00 22.42 ? 10  DG  A N7    1 
ATOM   199 C  C5    . DG  A 1 10 ? -4.821  14.157  8.104   1.00 21.54 ? 10  DG  A C5    1 
ATOM   200 C  C6    . DG  A 1 10 ? -3.660  14.381  7.318   1.00 20.12 ? 10  DG  A C6    1 
ATOM   201 O  O6    . DG  A 1 10 ? -3.616  14.740  6.142   1.00 26.49 ? 10  DG  A O6    1 
ATOM   202 N  N1    . DG  A 1 10 ? -2.480  14.019  7.975   1.00 22.23 ? 10  DG  A N1    1 
ATOM   203 C  C2    . DG  A 1 10 ? -2.454  13.510  9.249   1.00 20.18 ? 10  DG  A C2    1 
ATOM   204 N  N2    . DG  A 1 10 ? -1.266  13.199  9.785   1.00 23.65 ? 10  DG  A N2    1 
ATOM   205 N  N3    . DG  A 1 10 ? -3.534  13.264  9.975   1.00 21.80 ? 10  DG  A N3    1 
ATOM   206 C  C4    . DG  A 1 10 ? -4.669  13.675  9.394   1.00 18.58 ? 10  DG  A C4    1 
ATOM   207 O  "O5'" . DC  B 1 1  ? 8.032   16.178  6.379   1.00 48.64 ? 11  DC  B "O5'" 1 
ATOM   208 C  "C5'" . DC  B 1 1  ? 6.653   15.934  6.037   1.00 35.07 ? 11  DC  B "C5'" 1 
ATOM   209 C  "C4'" . DC  B 1 1  ? 5.850   15.362  7.188   1.00 33.62 ? 11  DC  B "C4'" 1 
ATOM   210 O  "O4'" . DC  B 1 1  ? 4.459   15.641  6.921   1.00 32.93 ? 11  DC  B "O4'" 1 
ATOM   211 C  "C3'" . DC  B 1 1  ? 5.890   13.827  7.167   1.00 32.51 ? 11  DC  B "C3'" 1 
ATOM   212 O  "O3'" . DC  B 1 1  ? 6.787   13.465  8.240   1.00 42.57 ? 11  DC  B "O3'" 1 
ATOM   213 C  "C2'" . DC  B 1 1  ? 4.509   13.392  7.540   1.00 32.72 ? 11  DC  B "C2'" 1 
ATOM   214 C  "C1'" . DC  B 1 1  ? 3.650   14.610  7.417   1.00 31.07 ? 11  DC  B "C1'" 1 
ATOM   215 N  N1    . DC  B 1 1  ? 2.463   14.455  6.564   1.00 26.70 ? 11  DC  B N1    1 
ATOM   216 C  C2    . DC  B 1 1  ? 1.259   14.215  7.242   1.00 27.74 ? 11  DC  B C2    1 
ATOM   217 O  O2    . DC  B 1 1  ? 1.276   13.898  8.441   1.00 28.47 ? 11  DC  B O2    1 
ATOM   218 N  N3    . DC  B 1 1  ? 0.108   14.325  6.549   1.00 27.55 ? 11  DC  B N3    1 
ATOM   219 C  C4    . DC  B 1 1  ? 0.175   14.700  5.257   1.00 28.61 ? 11  DC  B C4    1 
ATOM   220 N  N4    . DC  B 1 1  ? -1.017  14.800  4.653   1.00 26.98 ? 11  DC  B N4    1 
ATOM   221 C  C5    . DC  B 1 1  ? 1.374   14.933  4.523   1.00 24.65 ? 11  DC  B C5    1 
ATOM   222 C  C6    . DC  B 1 1  ? 2.503   14.807  5.249   1.00 26.65 ? 11  DC  B C6    1 
ATOM   223 P  P     . DC  B 1 2  ? 7.641   12.155  7.837   1.00 44.63 ? 12  DC  B P     1 
ATOM   224 O  OP1   . DC  B 1 2  ? 8.821   12.095  8.711   1.00 46.00 ? 12  DC  B OP1   1 
ATOM   225 O  OP2   . DC  B 1 2  ? 7.777   12.250  6.351   1.00 47.64 ? 12  DC  B OP2   1 
ATOM   226 O  "O5'" . DC  B 1 2  ? 6.611   10.992  8.171   1.00 41.12 ? 12  DC  B "O5'" 1 
ATOM   227 C  "C5'" . DC  B 1 2  ? 5.948   10.923  9.449   1.00 31.22 ? 12  DC  B "C5'" 1 
ATOM   228 C  "C4'" . DC  B 1 2  ? 4.814   9.926   9.273   1.00 26.26 ? 12  DC  B "C4'" 1 
ATOM   229 O  "O4'" . DC  B 1 2  ? 3.864   10.411  8.277   1.00 23.89 ? 12  DC  B "O4'" 1 
ATOM   230 C  "C3'" . DC  B 1 2  ? 5.320   8.574   8.722   1.00 25.66 ? 12  DC  B "C3'" 1 
ATOM   231 O  "O3'" . DC  B 1 2  ? 4.593   7.595   9.468   1.00 27.22 ? 12  DC  B "O3'" 1 
ATOM   232 C  "C2'" . DC  B 1 2  ? 4.879   8.623   7.263   1.00 25.24 ? 12  DC  B "C2'" 1 
ATOM   233 C  "C1'" . DC  B 1 2  ? 3.532   9.337   7.399   1.00 20.54 ? 12  DC  B "C1'" 1 
ATOM   234 N  N1    . DC  B 1 2  ? 2.985   9.929   6.171   1.00 18.17 ? 12  DC  B N1    1 
ATOM   235 C  C2    . DC  B 1 2  ? 1.613   10.240  6.218   1.00 18.86 ? 12  DC  B C2    1 
ATOM   236 O  O2    . DC  B 1 2  ? 0.981   9.904   7.244   1.00 17.92 ? 12  DC  B O2    1 
ATOM   237 N  N3    . DC  B 1 2  ? 1.073   10.854  5.135   1.00 17.42 ? 12  DC  B N3    1 
ATOM   238 C  C4    . DC  B 1 2  ? 1.854   11.231  4.103   1.00 19.23 ? 12  DC  B C4    1 
ATOM   239 N  N4    . DC  B 1 2  ? 1.320   11.772  3.007   1.00 17.25 ? 12  DC  B N4    1 
ATOM   240 C  C5    . DC  B 1 2  ? 3.261   10.963  4.073   1.00 19.06 ? 12  DC  B C5    1 
ATOM   241 C  C6    . DC  B 1 2  ? 3.770   10.312  5.124   1.00 20.12 ? 12  DC  B C6    1 
ATOM   242 P  P     . DG  B 1 3  ? 4.736   6.012   9.345   1.00 29.05 ? 13  DG  B P     1 
ATOM   243 O  OP1   . DG  B 1 3  ? 4.492   5.381   10.670  1.00 37.66 ? 13  DG  B OP1   1 
ATOM   244 O  OP2   . DG  B 1 3  ? 5.990   5.719   8.608   1.00 33.92 ? 13  DG  B OP2   1 
ATOM   245 O  "O5'" . DG  B 1 3  ? 3.550   5.583   8.378   1.00 25.68 ? 13  DG  B "O5'" 1 
ATOM   246 C  "C5'" . DG  B 1 3  ? 2.181   5.896   8.685   1.00 24.10 ? 13  DG  B "C5'" 1 
ATOM   247 C  "C4'" . DG  B 1 3  ? 1.356   5.598   7.460   1.00 22.44 ? 13  DG  B "C4'" 1 
ATOM   248 O  "O4'" . DG  B 1 3  ? 1.691   6.467   6.374   1.00 19.31 ? 13  DG  B "O4'" 1 
ATOM   249 C  "C3'" . DG  B 1 3  ? 1.511   4.163   6.946   1.00 23.41 ? 13  DG  B "C3'" 1 
ATOM   250 O  "O3'" . DG  B 1 3  ? 0.166   3.724   6.671   1.00 23.61 ? 13  DG  B "O3'" 1 
ATOM   251 C  "C2'" . DG  B 1 3  ? 2.320   4.329   5.684   1.00 20.90 ? 13  DG  B "C2'" 1 
ATOM   252 C  "C1'" . DG  B 1 3  ? 1.878   5.684   5.181   1.00 19.54 ? 13  DG  B "C1'" 1 
ATOM   253 N  N9    . DG  B 1 3  ? 2.797   6.361   4.290   1.00 18.47 ? 13  DG  B N9    1 
ATOM   254 C  C8    . DG  B 1 3  ? 4.175   6.310   4.283   1.00 21.54 ? 13  DG  B C8    1 
ATOM   255 N  N7    . DG  B 1 3  ? 4.673   6.952   3.256   1.00 21.67 ? 13  DG  B N7    1 
ATOM   256 C  C5    . DG  B 1 3  ? 3.601   7.652   2.733   1.00 19.31 ? 13  DG  B C5    1 
ATOM   257 C  C6    . DG  B 1 3  ? 3.577   8.472   1.568   1.00 19.00 ? 13  DG  B C6    1 
ATOM   258 O  O6    . DG  B 1 3  ? 4.533   9.010   1.003   1.00 22.50 ? 13  DG  B O6    1 
ATOM   259 N  N1    . DG  B 1 3  ? 2.289   8.899   1.279   1.00 19.81 ? 13  DG  B N1    1 
ATOM   260 C  C2    . DG  B 1 3  ? 1.159   8.462   1.940   1.00 18.57 ? 13  DG  B C2    1 
ATOM   261 N  N2    . DG  B 1 3  ? -0.007  8.937   1.487   1.00 18.81 ? 13  DG  B N2    1 
ATOM   262 N  N3    . DG  B 1 3  ? 1.186   7.666   2.991   1.00 18.94 ? 13  DG  B N3    1 
ATOM   263 C  C4    . DG  B 1 3  ? 2.434   7.317   3.357   1.00 16.76 ? 13  DG  B C4    1 
ATOM   264 P  P     . DA  B 1 4  ? -0.223  2.240   7.152   1.00 24.32 ? 14  DA  B P     1 
ATOM   265 O  OP1   . DA  B 1 4  ? 0.050   2.027   8.585   1.00 30.32 ? 14  DA  B OP1   1 
ATOM   266 O  OP2   . DA  B 1 4  ? 0.405   1.392   6.098   1.00 26.33 ? 14  DA  B OP2   1 
ATOM   267 O  "O5'" . DA  B 1 4  ? -1.804  2.254   6.921   1.00 25.29 ? 14  DA  B "O5'" 1 
ATOM   268 C  "C5'" . DA  B 1 4  ? -2.659  2.755   7.977   1.00 24.30 ? 14  DA  B "C5'" 1 
ATOM   269 C  "C4'" . DA  B 1 4  ? -3.997  3.117   7.373   1.00 21.17 ? 14  DA  B "C4'" 1 
ATOM   270 O  "O4'" . DA  B 1 4  ? -3.812  4.227   6.471   1.00 21.08 ? 14  DA  B "O4'" 1 
ATOM   271 C  "C3'" . DA  B 1 4  ? -4.659  2.017   6.538   1.00 18.77 ? 14  DA  B "C3'" 1 
ATOM   272 O  "O3'" . DA  B 1 4  ? -5.534  1.275   7.432   1.00 20.90 ? 14  DA  B "O3'" 1 
ATOM   273 C  "C2'" . DA  B 1 4  ? -5.511  2.852   5.594   1.00 19.86 ? 14  DA  B "C2'" 1 
ATOM   274 C  "C1'" . DA  B 1 4  ? -4.613  4.040   5.310   1.00 20.90 ? 14  DA  B "C1'" 1 
ATOM   275 N  N9    . DA  B 1 4  ? -3.791  4.007   4.118   1.00 18.68 ? 14  DA  B N9    1 
ATOM   276 C  C8    . DA  B 1 4  ? -2.414  4.073   4.081   1.00 19.15 ? 14  DA  B C8    1 
ATOM   277 N  N7    . DA  B 1 4  ? -1.952  4.159   2.860   1.00 19.01 ? 14  DA  B N7    1 
ATOM   278 C  C5    . DA  B 1 4  ? -3.084  4.083   2.045   1.00 15.60 ? 14  DA  B C5    1 
ATOM   279 C  C6    . DA  B 1 4  ? -3.256  4.170   0.648   1.00 17.02 ? 14  DA  B C6    1 
ATOM   280 N  N6    . DA  B 1 4  ? -2.231  4.442   -0.190  1.00 18.83 ? 14  DA  B N6    1 
ATOM   281 N  N1    . DA  B 1 4  ? -4.531  4.141   0.171   1.00 18.87 ? 14  DA  B N1    1 
ATOM   282 C  C2    . DA  B 1 4  ? -5.533  4.022   1.050   1.00 19.28 ? 14  DA  B C2    1 
ATOM   283 N  N3    . DA  B 1 4  ? -5.477  3.949   2.376   1.00 20.57 ? 14  DA  B N3    1 
ATOM   284 C  C4    . DA  B 1 4  ? -4.214  3.899   2.811   1.00 17.38 ? 14  DA  B C4    1 
ATOM   285 P  P     . DA  B 1 5  ? -5.593  -0.291  7.304   1.00 20.87 ? 15  DA  B P     1 
ATOM   286 O  OP1   . DA  B 1 5  ? -6.686  -0.744  8.262   1.00 19.72 ? 15  DA  B OP1   1 
ATOM   287 O  OP2   . DA  B 1 5  ? -4.269  -0.915  7.298   1.00 22.08 ? 15  DA  B OP2   1 
ATOM   288 O  "O5'" . DA  B 1 5  ? -6.159  -0.573  5.829   1.00 21.47 ? 15  DA  B "O5'" 1 
ATOM   289 C  "C5'" . DA  B 1 5  ? -7.507  -0.170  5.522   1.00 22.17 ? 15  DA  B "C5'" 1 
ATOM   290 C  "C4'" . DA  B 1 5  ? -7.698  -0.242  4.015   1.00 23.36 ? 15  DA  B "C4'" 1 
ATOM   291 O  "O4'" . DA  B 1 5  ? -6.856  0.766   3.430   1.00 21.78 ? 15  DA  B "O4'" 1 
ATOM   292 C  "C3'" . DA  B 1 5  ? -7.089  -1.538  3.405   1.00 26.73 ? 15  DA  B "C3'" 1 
ATOM   293 O  "O3'" . DA  B 1 5  ? -8.209  -2.422  3.317   1.00 28.99 ? 15  DA  B "O3'" 1 
ATOM   294 C  "C2'" . DA  B 1 5  ? -6.836  -1.068  1.979   1.00 25.42 ? 15  DA  B "C2'" 1 
ATOM   295 C  "C1'" . DA  B 1 5  ? -6.287  0.326   2.207   1.00 22.53 ? 15  DA  B "C1'" 1 
ATOM   296 N  N9    . DA  B 1 5  ? -4.829  0.287   2.327   1.00 20.33 ? 15  DA  B N9    1 
ATOM   297 C  C8    . DA  B 1 5  ? -4.058  0.070   3.447   1.00 20.69 ? 15  DA  B C8    1 
ATOM   298 N  N7    . DA  B 1 5  ? -2.779  0.216   3.236   1.00 20.78 ? 15  DA  B N7    1 
ATOM   299 C  C5    . DA  B 1 5  ? -2.692  0.580   1.900   1.00 17.34 ? 15  DA  B C5    1 
ATOM   300 C  C6    . DA  B 1 5  ? -1.594  0.808   1.073   1.00 16.10 ? 15  DA  B C6    1 
ATOM   301 N  N6    . DA  B 1 5  ? -0.327  0.784   1.494   1.00 18.37 ? 15  DA  B N6    1 
ATOM   302 N  N1    . DA  B 1 5  ? -1.855  1.034   -0.245  1.00 18.58 ? 15  DA  B N1    1 
ATOM   303 C  C2    . DA  B 1 5  ? -3.128  0.981   -0.669  1.00 16.87 ? 15  DA  B C2    1 
ATOM   304 N  N3    . DA  B 1 5  ? -4.242  0.726   0.016   1.00 20.20 ? 15  DA  B N3    1 
ATOM   305 C  C4    . DA  B 1 5  ? -3.938  0.525   1.305   1.00 18.31 ? 15  DA  B C4    1 
ATOM   306 P  P     . DT  B 1 6  ? -7.927  -3.986  3.113   1.00 28.30 ? 16  DT  B P     1 
ATOM   307 O  OP1   . DT  B 1 6  ? -9.145  -4.746  3.478   1.00 27.39 ? 16  DT  B OP1   1 
ATOM   308 O  OP2   . DT  B 1 6  ? -6.680  -4.348  3.849   1.00 26.20 ? 16  DT  B OP2   1 
ATOM   309 O  "O5'" . DT  B 1 6  ? -7.624  -4.170  1.551   1.00 26.78 ? 16  DT  B "O5'" 1 
ATOM   310 C  "C5'" . DT  B 1 6  ? -8.559  -3.600  0.605   1.00 24.21 ? 16  DT  B "C5'" 1 
ATOM   311 C  "C4'" . DT  B 1 6  ? -7.998  -3.614  -0.800  1.00 27.88 ? 16  DT  B "C4'" 1 
ATOM   312 O  "O4'" . DT  B 1 6  ? -6.788  -2.836  -0.834  1.00 25.98 ? 16  DT  B "O4'" 1 
ATOM   313 C  "C3'" . DT  B 1 6  ? -7.663  -5.027  -1.313  1.00 28.05 ? 16  DT  B "C3'" 1 
ATOM   314 O  "O3'" . DT  B 1 6  ? -7.921  -5.132  -2.717  1.00 30.28 ? 16  DT  B "O3'" 1 
ATOM   315 C  "C2'" . DT  B 1 6  ? -6.158  -5.059  -1.159  1.00 25.15 ? 16  DT  B "C2'" 1 
ATOM   316 C  "C1'" . DT  B 1 6  ? -5.748  -3.615  -1.434  1.00 26.79 ? 16  DT  B "C1'" 1 
ATOM   317 N  N1    . DT  B 1 6  ? -4.485  -3.279  -0.750  1.00 24.39 ? 16  DT  B N1    1 
ATOM   318 C  C2    . DT  B 1 6  ? -3.476  -2.707  -1.483  1.00 19.70 ? 16  DT  B C2    1 
ATOM   319 O  O2    . DT  B 1 6  ? -3.562  -2.431  -2.667  1.00 23.09 ? 16  DT  B O2    1 
ATOM   320 N  N3    . DT  B 1 6  ? -2.344  -2.440  -0.752  1.00 20.73 ? 16  DT  B N3    1 
ATOM   321 C  C4    . DT  B 1 6  ? -2.124  -2.712  0.577   1.00 20.04 ? 16  DT  B C4    1 
ATOM   322 O  O4    . DT  B 1 6  ? -1.028  -2.533  1.098   1.00 19.90 ? 16  DT  B O4    1 
ATOM   323 C  C5    . DT  B 1 6  ? -3.252  -3.249  1.303   1.00 20.80 ? 16  DT  B C5    1 
ATOM   324 C  C7    . DT  B 1 6  ? -3.082  -3.637  2.740   1.00 30.86 ? 16  DT  B C7    1 
ATOM   325 C  C6    . DT  B 1 6  ? -4.361  -3.500  0.603   1.00 20.34 ? 16  DT  B C6    1 
ATOM   326 P  P     . DG  B 1 7  ? -7.942  -6.554  -3.494  1.00 31.87 ? 17  DG  B P     1 
ATOM   327 O  OP1   . DG  B 1 7  ? -8.775  -6.311  -4.688  1.00 37.82 ? 17  DG  B OP1   1 
ATOM   328 O  OP2   . DG  B 1 7  ? -8.179  -7.640  -2.529  1.00 35.61 ? 17  DG  B OP2   1 
ATOM   329 O  "O5'" . DG  B 1 7  ? -6.414  -6.658  -3.965  1.00 30.44 ? 17  DG  B "O5'" 1 
ATOM   330 C  "C5'" . DG  B 1 7  ? -5.968  -5.589  -4.853  1.00 24.37 ? 17  DG  B "C5'" 1 
ATOM   331 C  "C4'" . DG  B 1 7  ? -4.486  -5.741  -5.129  1.00 26.50 ? 17  DG  B "C4'" 1 
ATOM   332 O  "O4'" . DG  B 1 7  ? -3.832  -5.710  -3.835  1.00 23.21 ? 17  DG  B "O4'" 1 
ATOM   333 C  "C3'" . DG  B 1 7  ? -4.159  -7.099  -5.771  1.00 24.71 ? 17  DG  B "C3'" 1 
ATOM   334 O  "O3'" . DG  B 1 7  ? -2.992  -6.991  -6.614  1.00 24.09 ? 17  DG  B "O3'" 1 
ATOM   335 C  "C2'" . DG  B 1 7  ? -3.832  -7.969  -4.567  1.00 22.13 ? 17  DG  B "C2'" 1 
ATOM   336 C  "C1'" . DG  B 1 7  ? -3.202  -6.983  -3.620  1.00 20.98 ? 17  DG  B "C1'" 1 
ATOM   337 N  N9    . DG  B 1 7  ? -3.321  -7.262  -2.184  1.00 20.11 ? 17  DG  B N9    1 
ATOM   338 C  C8    . DG  B 1 7  ? -4.287  -7.929  -1.513  1.00 20.45 ? 17  DG  B C8    1 
ATOM   339 N  N7    . DG  B 1 7  ? -4.172  -7.769  -0.219  1.00 22.39 ? 17  DG  B N7    1 
ATOM   340 C  C5    . DG  B 1 7  ? -2.966  -7.145  -0.011  1.00 18.38 ? 17  DG  B C5    1 
ATOM   341 C  C6    . DG  B 1 7  ? -2.252  -6.870  1.177   1.00 19.83 ? 17  DG  B C6    1 
ATOM   342 O  O6    . DG  B 1 7  ? -2.550  -7.073  2.354   1.00 20.29 ? 17  DG  B O6    1 
ATOM   343 N  N1    . DG  B 1 7  ? -1.076  -6.155  0.900   1.00 18.36 ? 17  DG  B N1    1 
ATOM   344 C  C2    . DG  B 1 7  ? -0.647  -5.837  -0.356  1.00 18.28 ? 17  DG  B C2    1 
ATOM   345 N  N2    . DG  B 1 7  ? 0.524   -5.171  -0.382  1.00 18.17 ? 17  DG  B N2    1 
ATOM   346 N  N3    . DG  B 1 7  ? -1.277  -6.108  -1.472  1.00 19.68 ? 17  DG  B N3    1 
ATOM   347 C  C4    . DG  B 1 7  ? -2.441  -6.759  -1.237  1.00 19.57 ? 17  DG  B C4    1 
ATOM   348 P  P     . DA  B 1 8  ? -3.087  -7.687  -8.066  1.00 24.26 ? 18  DA  B P     1 
ATOM   349 O  OP1   . DA  B 1 8  ? -4.191  -7.094  -8.866  1.00 28.21 ? 18  DA  B OP1   1 
ATOM   350 O  OP2   . DA  B 1 8  ? -3.103  -9.147  -7.795  1.00 27.65 ? 18  DA  B OP2   1 
ATOM   351 O  "O5'" . DA  B 1 8  ? -1.706  -7.320  -8.717  1.00 23.84 ? 18  DA  B "O5'" 1 
ATOM   352 C  "C5'" . DA  B 1 8  ? -1.466  -6.038  -9.342  1.00 23.96 ? 18  DA  B "C5'" 1 
ATOM   353 C  "C4'" . DA  B 1 8  ? 0.011   -5.934  -9.666  1.00 19.53 ? 18  DA  B "C4'" 1 
ATOM   354 O  "O4'" . DA  B 1 8  ? 0.777   -5.897  -8.447  1.00 22.32 ? 18  DA  B "O4'" 1 
ATOM   355 C  "C3'" . DA  B 1 8  ? 0.524   -7.148  -10.463 1.00 19.24 ? 18  DA  B "C3'" 1 
ATOM   356 O  "O3'" . DA  B 1 8  ? 1.541   -6.656  -11.342 1.00 25.23 ? 18  DA  B "O3'" 1 
ATOM   357 C  "C2'" . DA  B 1 8  ? 1.162   -7.981  -9.358  1.00 20.03 ? 18  DA  B "C2'" 1 
ATOM   358 C  "C1'" . DA  B 1 8  ? 1.719   -6.955  -8.393  1.00 19.81 ? 18  DA  B "C1'" 1 
ATOM   359 N  N9    . DA  B 1 8  ? 1.785   -7.454  -7.017  1.00 21.53 ? 18  DA  B N9    1 
ATOM   360 C  C8    . DA  B 1 8  ? 0.731   -7.798  -6.205  1.00 21.95 ? 18  DA  B C8    1 
ATOM   361 N  N7    . DA  B 1 8  ? 1.074   -8.190  -5.019  1.00 20.65 ? 18  DA  B N7    1 
ATOM   362 C  C5    . DA  B 1 8  ? 2.450   -8.375  -5.118  1.00 19.12 ? 18  DA  B C5    1 
ATOM   363 C  C6    . DA  B 1 8  ? 3.402   -8.673  -4.124  1.00 18.39 ? 18  DA  B C6    1 
ATOM   364 N  N6    . DA  B 1 8  ? 3.087   -9.192  -2.927  1.00 18.75 ? 18  DA  B N6    1 
ATOM   365 N  N1    . DA  B 1 8  ? 4.719   -8.664  -4.479  1.00 16.91 ? 18  DA  B N1    1 
ATOM   366 C  C2    . DA  B 1 8  ? 4.976   -8.217  -5.714  1.00 16.95 ? 18  DA  B C2    1 
ATOM   367 N  N3    . DA  B 1 8  ? 4.189   -7.799  -6.692  1.00 17.70 ? 18  DA  B N3    1 
ATOM   368 C  C4    . DA  B 1 8  ? 2.902   -7.859  -6.332  1.00 17.21 ? 18  DA  B C4    1 
ATOM   369 P  P     . DG  B 1 9  ? 2.052   -7.483  -12.616 1.00 26.22 ? 19  DG  B P     1 
ATOM   370 O  OP1   . DG  B 1 9  ? 2.769   -6.459  -13.430 1.00 27.30 ? 19  DG  B OP1   1 
ATOM   371 O  OP2   . DG  B 1 9  ? 0.921   -8.289  -13.080 1.00 27.16 ? 19  DG  B OP2   1 
ATOM   372 O  "O5'" . DG  B 1 9  ? 3.144   -8.502  -12.052 1.00 22.16 ? 19  DG  B "O5'" 1 
ATOM   373 C  "C5'" . DG  B 1 9  ? 4.379   -7.979  -11.527 1.00 23.68 ? 19  DG  B "C5'" 1 
ATOM   374 C  "C4'" . DG  B 1 9  ? 5.113   -9.093  -10.827 1.00 21.40 ? 19  DG  B "C4'" 1 
ATOM   375 O  "O4'" . DG  B 1 9  ? 4.354   -9.454  -9.649  1.00 19.33 ? 19  DG  B "O4'" 1 
ATOM   376 C  "C3'" . DG  B 1 9  ? 5.278   -10.374 -11.668 1.00 19.44 ? 19  DG  B "C3'" 1 
ATOM   377 O  "O3'" . DG  B 1 9  ? 6.572   -10.869 -11.263 1.00 21.01 ? 19  DG  B "O3'" 1 
ATOM   378 C  "C2'" . DG  B 1 9  ? 4.198   -11.283 -11.070 1.00 19.48 ? 19  DG  B "C2'" 1 
ATOM   379 C  "C1'" . DG  B 1 9  ? 4.300   -10.883 -9.599  1.00 18.85 ? 19  DG  B "C1'" 1 
ATOM   380 N  N9    . DG  B 1 9  ? 3.121   -11.252 -8.824  1.00 18.62 ? 19  DG  B N9    1 
ATOM   381 C  C8    . DG  B 1 9  ? 1.805   -11.266 -9.256  1.00 18.27 ? 19  DG  B C8    1 
ATOM   382 N  N7    . DG  B 1 9  ? 0.937   -11.452 -8.279  1.00 17.91 ? 19  DG  B N7    1 
ATOM   383 C  C5    . DG  B 1 9  ? 1.736   -11.708 -7.177  1.00 17.99 ? 19  DG  B C5    1 
ATOM   384 C  C6    . DG  B 1 9  ? 1.399   -12.014 -5.828  1.00 15.39 ? 19  DG  B C6    1 
ATOM   385 O  O6    . DG  B 1 9  ? 0.260   -12.178 -5.365  1.00 19.08 ? 19  DG  B O6    1 
ATOM   386 N  N1    . DG  B 1 9  ? 2.515   -12.104 -5.045  1.00 16.31 ? 19  DG  B N1    1 
ATOM   387 C  C2    . DG  B 1 9  ? 3.830   -11.957 -5.451  1.00 14.86 ? 19  DG  B C2    1 
ATOM   388 N  N2    . DG  B 1 9  ? 4.740   -12.129 -4.494  1.00 15.16 ? 19  DG  B N2    1 
ATOM   389 N  N3    . DG  B 1 9  ? 4.171   -11.600 -6.686  1.00 16.31 ? 19  DG  B N3    1 
ATOM   390 C  C4    . DG  B 1 9  ? 3.068   -11.514 -7.472  1.00 16.27 ? 19  DG  B C4    1 
ATOM   391 P  P     . DG  B 1 10 ? 7.507   -11.816 -12.148 1.00 19.03 ? 20  DG  B P     1 
ATOM   392 O  OP1   . DG  B 1 10 ? 8.417   -11.002 -13.007 1.00 25.06 ? 20  DG  B OP1   1 
ATOM   393 O  OP2   . DG  B 1 10 ? 6.740   -12.896 -12.832 1.00 19.85 ? 20  DG  B OP2   1 
ATOM   394 O  "O5'" . DG  B 1 10 ? 8.419   -12.541 -11.050 1.00 17.43 ? 20  DG  B "O5'" 1 
ATOM   395 C  "C5'" . DG  B 1 10 ? 9.188   -11.735 -10.139 1.00 18.97 ? 20  DG  B "C5'" 1 
ATOM   396 C  "C4'" . DG  B 1 10 ? 9.588   -12.566 -8.945  1.00 17.48 ? 20  DG  B "C4'" 1 
ATOM   397 O  "O4'" . DG  B 1 10 ? 8.410   -12.911 -8.183  1.00 20.27 ? 20  DG  B "O4'" 1 
ATOM   398 C  "C3'" . DG  B 1 10 ? 10.155  -13.940 -9.324  1.00 16.47 ? 20  DG  B "C3'" 1 
ATOM   399 O  "O3'" . DG  B 1 10 ? 11.214  -14.322 -8.486  1.00 20.23 ? 20  DG  B "O3'" 1 
ATOM   400 C  "C2'" . DG  B 1 10 ? 8.969   -14.880 -9.256  1.00 20.05 ? 20  DG  B "C2'" 1 
ATOM   401 C  "C1'" . DG  B 1 10 ? 8.227   -14.315 -8.064  1.00 19.99 ? 20  DG  B "C1'" 1 
ATOM   402 N  N9    . DG  B 1 10 ? 6.784   -14.499 -8.109  1.00 17.49 ? 20  DG  B N9    1 
ATOM   403 C  C8    . DG  B 1 10 ? 5.928   -14.156 -9.127  1.00 18.72 ? 20  DG  B C8    1 
ATOM   404 N  N7    . DG  B 1 10 ? 4.675   -14.338 -8.804  1.00 18.23 ? 20  DG  B N7    1 
ATOM   405 C  C5    . DG  B 1 10 ? 4.675   -14.795 -7.482  1.00 15.91 ? 20  DG  B C5    1 
ATOM   406 C  C6    . DG  B 1 10 ? 3.630   -15.130 -6.590  1.00 15.90 ? 20  DG  B C6    1 
ATOM   407 O  O6    . DG  B 1 10 ? 2.398   -15.076 -6.776  1.00 16.12 ? 20  DG  B O6    1 
ATOM   408 N  N1    . DG  B 1 10 ? 4.070   -15.560 -5.340  1.00 14.81 ? 20  DG  B N1    1 
ATOM   409 C  C2    . DG  B 1 10 ? 5.401   -15.632 -5.027  1.00 15.74 ? 20  DG  B C2    1 
ATOM   410 N  N2    . DG  B 1 10 ? 5.700   -16.063 -3.781  1.00 15.03 ? 20  DG  B N2    1 
ATOM   411 N  N3    . DG  B 1 10 ? 6.396   -15.279 -5.822  1.00 17.68 ? 20  DG  B N3    1 
ATOM   412 C  C4    . DG  B 1 10 ? 5.989   -14.946 -7.067  1.00 16.08 ? 20  DG  B C4    1 
HETATM 413 MG MG    . MG  C 2 .  ? 7.565   -0.215  -1.162  1.00 28.36 ? 22  MG  A MG    1 
HETATM 414 MG MG    . MG  D 2 .  ? -13.133 7.383   3.743   1.00 24.13 ? 23  MG  A MG    1 
HETATM 415 CO CO    . NCO E 3 .  ? 6.880   7.290   -3.118  1.00 26.50 ? 21  NCO A CO    1 
HETATM 416 N  N1    . NCO E 3 .  ? 6.997   5.623   -2.067  1.00 48.46 ? 21  NCO A N1    1 
HETATM 417 N  N2    . NCO E 3 .  ? 6.734   8.959   -4.219  1.00 23.11 ? 21  NCO A N2    1 
HETATM 418 N  N3    . NCO E 3 .  ? 5.134   6.692   -3.867  1.00 24.28 ? 21  NCO A N3    1 
HETATM 419 N  N4    . NCO E 3 .  ? 7.766   6.379   -4.665  1.00 27.32 ? 21  NCO A N4    1 
HETATM 420 N  N5    . NCO E 3 .  ? 8.669   7.877   -2.454  1.00 28.07 ? 21  NCO A N5    1 
HETATM 421 N  N6    . NCO E 3 .  ? 6.013   8.222   -1.612  1.00 40.42 ? 21  NCO A N6    1 
HETATM 422 O  O     . HOH F 4 .  ? -8.641  7.132   10.630  0.50 45.12 ? 100 HOH A O     1 
HETATM 423 O  O     . HOH F 4 .  ? -10.143 7.758   9.038   0.50 19.13 ? 101 HOH A O     1 
HETATM 424 O  O     . HOH F 4 .  ? -17.092 7.844   5.427   1.00 24.73 ? 102 HOH A O     1 
HETATM 425 O  O     . HOH F 4 .  ? -5.174  9.944   8.751   1.00 22.84 ? 105 HOH A O     1 
HETATM 426 O  O     . HOH F 4 .  ? -9.857  5.472   3.144   1.00 25.33 ? 107 HOH A O     1 
HETATM 427 O  O     . HOH F 4 .  ? -0.798  0.657   -6.689  1.00 28.39 ? 110 HOH A O     1 
HETATM 428 O  O     . HOH F 4 .  ? -1.645  7.287   9.029   1.00 23.26 ? 111 HOH A O     1 
HETATM 429 O  O     . HOH F 4 .  ? 7.561   3.044   -3.808  1.00 29.95 ? 114 HOH A O     1 
HETATM 430 O  O     . HOH F 4 .  ? -7.269  6.452   6.411   1.00 36.75 ? 115 HOH A O     1 
HETATM 431 O  O     . HOH F 4 .  ? -6.214  8.243   -4.858  1.00 23.49 ? 116 HOH A O     1 
HETATM 432 O  O     . HOH F 4 .  ? -3.800  -11.176 -2.441  1.00 23.44 ? 117 HOH A O     1 
HETATM 433 O  O     . HOH F 4 .  ? -0.455  -11.625 4.225   1.00 24.69 ? 118 HOH A O     1 
HETATM 434 O  O     . HOH F 4 .  ? -8.970  12.498  1.776   1.00 25.79 ? 119 HOH A O     1 
HETATM 435 O  O     . HOH F 4 .  ? 3.161   -9.135  4.934   1.00 33.43 ? 120 HOH A O     1 
HETATM 436 O  O     . HOH F 4 .  ? -10.982 14.628  6.113   1.00 33.39 ? 121 HOH A O     1 
HETATM 437 O  O     . HOH F 4 .  ? 9.785   2.070   -4.912  1.00 23.60 ? 122 HOH A O     1 
HETATM 438 O  O     . HOH F 4 .  ? -1.675  11.168  0.379   1.00 24.13 ? 123 HOH A O     1 
HETATM 439 O  O     . HOH F 4 .  ? 2.922   -13.380 6.920   1.00 26.79 ? 124 HOH A O     1 
HETATM 440 O  O     . HOH F 4 .  ? 3.839   2.970   2.621   1.00 30.51 ? 126 HOH A O     1 
HETATM 441 O  O     . HOH F 4 .  ? -3.053  -13.701 -1.590  1.00 21.59 ? 131 HOH A O     1 
HETATM 442 O  O     . HOH F 4 .  ? -2.501  -15.243 -5.504  1.00 28.64 ? 134 HOH A O     1 
HETATM 443 O  O     . HOH F 4 .  ? -7.092  7.739   8.908   1.00 29.91 ? 135 HOH A O     1 
HETATM 444 O  O     . HOH F 4 .  ? -2.391  11.076  -5.777  1.00 37.81 ? 137 HOH A O     1 
HETATM 445 O  O     . HOH F 4 .  ? -7.411  11.989  -0.825  1.00 39.40 ? 140 HOH A O     1 
HETATM 446 O  O     . HOH F 4 .  ? 1.466   12.055  -6.836  1.00 37.74 ? 143 HOH A O     1 
HETATM 447 O  O     . HOH F 4 .  ? -11.913 13.441  11.741  1.00 26.56 ? 144 HOH A O     1 
HETATM 448 O  O     . HOH F 4 .  ? 3.798   0.470   1.053   1.00 24.40 ? 146 HOH A O     1 
HETATM 449 O  O     . HOH F 4 .  ? 10.471  -3.394  -0.684  1.00 37.58 ? 147 HOH A O     1 
HETATM 450 O  O     . HOH F 4 .  ? 6.020   -12.572 6.664   1.00 34.04 ? 148 HOH A O     1 
HETATM 451 O  O     . HOH F 4 .  ? -1.015  4.958   10.544  1.00 45.85 ? 152 HOH A O     1 
HETATM 452 O  O     . HOH F 4 .  ? -2.489  -2.845  -6.852  1.00 37.35 ? 155 HOH A O     1 
HETATM 453 O  O     . HOH F 4 .  ? 6.961   -13.189 -1.201  1.00 33.81 ? 156 HOH A O     1 
HETATM 454 O  O     . HOH F 4 .  ? -7.986  16.174  6.521   1.00 38.87 ? 157 HOH A O     1 
HETATM 455 O  O     . HOH F 4 .  ? -0.233  -15.243 7.392   1.00 35.74 ? 158 HOH A O     1 
HETATM 456 O  O     . HOH F 4 .  ? -2.540  -14.901 3.117   1.00 26.94 ? 160 HOH A O     1 
HETATM 457 O  O     . HOH F 4 .  ? -4.772  15.636  4.005   1.00 35.92 ? 161 HOH A O     1 
HETATM 458 O  O     . HOH F 4 .  ? 3.041   -1.158  -9.823  1.00 38.33 ? 162 HOH A O     1 
HETATM 459 O  O     . HOH F 4 .  ? 6.732   3.619   0.637   1.00 24.72 ? 165 HOH A O     1 
HETATM 460 O  O     . HOH F 4 .  ? 7.856   10.336  -1.844  1.00 55.48 ? 167 HOH A O     1 
HETATM 461 O  O     . HOH F 4 .  ? -3.020  -12.224 3.761   1.00 31.36 ? 168 HOH A O     1 
HETATM 462 O  O     . HOH F 4 .  ? 6.749   6.967   -7.426  1.00 30.59 ? 170 HOH A O     1 
HETATM 463 O  O     . HOH F 4 .  ? 1.597   -10.846 5.966   1.00 27.19 ? 171 HOH A O     1 
HETATM 464 O  O     . HOH F 4 .  ? -4.712  12.890  0.467   1.00 27.74 ? 172 HOH A O     1 
HETATM 465 O  O     . HOH F 4 .  ? 8.417   -12.305 0.870   1.00 35.80 ? 173 HOH A O     1 
HETATM 466 O  O     . HOH F 4 .  ? -11.047 16.270  11.225  1.00 42.42 ? 174 HOH A O     1 
HETATM 467 O  O     . HOH F 4 .  ? -3.072  11.019  11.890  1.00 41.79 ? 175 HOH A O     1 
HETATM 468 O  O     . HOH F 4 .  ? 1.656   -6.911  4.776   1.00 47.37 ? 176 HOH A O     1 
HETATM 469 O  O     . HOH F 4 .  ? 0.273   11.703  -3.498  1.00 43.07 ? 178 HOH A O     1 
HETATM 470 O  O     . HOH F 4 .  ? 0.129   0.096   -9.268  1.00 41.57 ? 183 HOH A O     1 
HETATM 471 O  O     . HOH F 4 .  ? 6.241   0.057   2.894   1.00 40.38 ? 184 HOH A O     1 
HETATM 472 O  O     . HOH F 4 .  ? -9.865  14.611  4.112   1.00 28.01 ? 185 HOH A O     1 
HETATM 473 O  O     . HOH F 4 .  ? 4.341   1.310   -10.697 1.00 35.47 ? 188 HOH A O     1 
HETATM 474 O  O     . HOH F 4 .  ? -7.468  9.582   14.765  1.00 31.96 ? 190 HOH A O     1 
HETATM 475 O  O     . HOH F 4 .  ? -6.258  5.289   9.439   1.00 35.23 ? 191 HOH A O     1 
HETATM 476 O  O     . HOH F 4 .  ? -1.221  9.354   10.347  1.00 47.35 ? 192 HOH A O     1 
HETATM 477 O  O     . HOH F 4 .  ? -2.223  12.054  -3.104  1.00 37.04 ? 193 HOH A O     1 
HETATM 478 O  O     . HOH F 4 .  ? 4.539   1.612   6.958   1.00 46.80 ? 195 HOH A O     1 
HETATM 479 O  O     . HOH F 4 .  ? 6.847   3.244   -9.773  1.00 45.04 ? 199 HOH A O     1 
HETATM 480 O  O     . HOH F 4 .  ? 1.488   1.923   -10.218 1.00 42.68 ? 200 HOH A O     1 
HETATM 481 O  O     . HOH F 4 .  ? -0.454  12.358  12.087  1.00 44.41 ? 201 HOH A O     1 
HETATM 482 O  O     . HOH F 4 .  ? 3.239   -2.241  1.968   1.00 35.28 ? 202 HOH A O     1 
HETATM 483 O  O     . HOH F 4 .  ? 4.050   -0.490  4.220   1.00 49.18 ? 204 HOH A O     1 
HETATM 484 O  O     . HOH F 4 .  ? -4.000  1.730   -4.409  1.00 45.46 ? 206 HOH A O     1 
HETATM 485 O  O     . HOH F 4 .  ? -3.797  15.297  -0.672  1.00 44.02 ? 208 HOH A O     1 
HETATM 486 O  O     . HOH F 4 .  ? 8.019   8.239   0.094   1.00 58.78 ? 209 HOH A O     1 
HETATM 487 O  O     . HOH F 4 .  ? 9.019   -6.773  2.236   1.00 51.61 ? 210 HOH A O     1 
HETATM 488 O  O     . HOH F 4 .  ? -7.785  18.177  1.756   0.50 51.86 ? 211 HOH A O     1 
HETATM 489 O  O     . HOH F 4 .  ? 1.014   9.287   -5.191  1.00 26.87 ? 213 HOH A O     1 
HETATM 490 O  O     . HOH F 4 .  ? 8.105   -5.631  0.464   1.00 33.48 ? 214 HOH A O     1 
HETATM 491 O  O     . HOH F 4 .  ? -4.184  -15.616 -3.501  1.00 37.07 ? 215 HOH A O     1 
HETATM 492 O  O     . HOH F 4 .  ? -3.169  5.901   10.203  1.00 50.00 ? 217 HOH A O     1 
HETATM 493 O  O     . HOH F 4 .  ? -10.555 17.081  3.771   1.00 57.62 ? 221 HOH A O     1 
HETATM 494 O  O     . HOH F 4 .  ? -11.339 18.166  5.636   1.00 51.95 ? 224 HOH A O     1 
HETATM 495 O  O     . HOH F 4 .  ? 1.256   8.640   -9.339  1.00 58.69 ? 225 HOH A O     1 
HETATM 496 O  O     . HOH F 4 .  ? 7.077   1.695   -1.781  1.00 35.13 ? 228 HOH A O     1 
HETATM 497 O  O     . HOH F 4 .  ? 8.096   -2.075  -0.507  1.00 28.65 ? 229 HOH A O     1 
HETATM 498 O  O     . HOH F 4 .  ? 9.577   0.265   -1.288  1.00 28.97 ? 230 HOH A O     1 
HETATM 499 O  O     . HOH F 4 .  ? 7.655   0.491   0.785   1.00 38.77 ? 231 HOH A O     1 
HETATM 500 O  O     . HOH F 4 .  ? 5.587   -0.688  -0.876  1.00 28.38 ? 232 HOH A O     1 
HETATM 501 O  O     . HOH F 4 .  ? -14.048 9.166   3.410   1.00 36.13 ? 233 HOH A O     1 
HETATM 502 O  O     . HOH F 4 .  ? -12.162 5.567   3.839   1.00 32.32 ? 234 HOH A O     1 
HETATM 503 O  O     . HOH F 4 .  ? -12.659 7.764   5.689   1.00 18.67 ? 235 HOH A O     1 
HETATM 504 O  O     . HOH F 4 .  ? -14.862 6.493   4.499   1.00 22.85 ? 236 HOH A O     1 
HETATM 505 O  O     . HOH F 4 .  ? -13.841 6.871   1.859   1.00 28.32 ? 237 HOH A O     1 
HETATM 506 O  O     . HOH G 4 .  ? 6.827   -11.013 -6.725  1.00 21.89 ? 103 HOH B O     1 
HETATM 507 O  O     . HOH G 4 .  ? 9.475   -8.476  -12.325 1.00 25.58 ? 104 HOH B O     1 
HETATM 508 O  O     . HOH G 4 .  ? 8.548   -14.179 -4.541  1.00 20.18 ? 106 HOH B O     1 
HETATM 509 O  O     . HOH G 4 .  ? -8.292  -2.767  8.371   1.00 31.55 ? 108 HOH B O     1 
HETATM 510 O  O     . HOH G 4 .  ? 8.253   -10.503 -15.760 1.00 24.06 ? 109 HOH B O     1 
HETATM 511 O  O     . HOH G 4 .  ? 0.860   -5.253  2.754   1.00 26.10 ? 112 HOH B O     1 
HETATM 512 O  O     . HOH G 4 .  ? -8.261  3.789   3.041   1.00 36.99 ? 113 HOH B O     1 
HETATM 513 O  O     . HOH G 4 .  ? -9.116  -7.361  2.742   1.00 29.63 ? 125 HOH B O     1 
HETATM 514 O  O     . HOH G 4 .  ? -4.840  3.774   -2.347  1.00 28.59 ? 127 HOH B O     1 
HETATM 515 O  O     . HOH G 4 .  ? 7.841   -8.384  -7.808  1.00 37.42 ? 128 HOH B O     1 
HETATM 516 O  O     . HOH G 4 .  ? 6.800   -9.425  -3.192  1.00 27.91 ? 129 HOH B O     1 
HETATM 517 O  O     . HOH G 4 .  ? -9.298  -8.482  -0.211  1.00 31.13 ? 130 HOH B O     1 
HETATM 518 O  O     . HOH G 4 .  ? -6.264  0.795   -1.630  1.00 30.58 ? 132 HOH B O     1 
HETATM 519 O  O     . HOH G 4 .  ? -0.637  15.560  1.877   1.00 27.65 ? 133 HOH B O     1 
HETATM 520 O  O     . HOH G 4 .  ? 0.434   -10.744 -12.203 1.00 40.74 ? 136 HOH B O     1 
HETATM 521 O  O     . HOH G 4 .  ? 0.390   -14.824 -8.530  1.00 32.90 ? 138 HOH B O     1 
HETATM 522 O  O     . HOH G 4 .  ? -2.137  -10.805 -5.609  1.00 24.35 ? 139 HOH B O     1 
HETATM 523 O  O     . HOH G 4 .  ? 0.429   -2.338  3.237   1.00 29.49 ? 141 HOH B O     1 
HETATM 524 O  O     . HOH G 4 .  ? 2.479   -14.491 -10.595 1.00 24.72 ? 142 HOH B O     1 
HETATM 525 O  O     . HOH G 4 .  ? 10.887  -13.803 -5.862  1.00 27.35 ? 145 HOH B O     1 
HETATM 526 O  O     . HOH G 4 .  ? 8.900   8.997   10.728  1.00 36.22 ? 149 HOH B O     1 
HETATM 527 O  O     . HOH G 4 .  ? -0.849  -0.983  4.993   1.00 28.56 ? 150 HOH B O     1 
HETATM 528 O  O     . HOH G 4 .  ? 0.938   9.115   9.497   1.00 40.36 ? 151 HOH B O     1 
HETATM 529 O  O     . HOH G 4 .  ? 1.600   10.816  -0.694  1.00 23.41 ? 153 HOH B O     1 
HETATM 530 O  O     . HOH G 4 .  ? 3.753   -3.997  -11.114 1.00 44.93 ? 154 HOH B O     1 
HETATM 531 O  O     . HOH G 4 .  ? 1.650   1.423   3.712   1.00 23.40 ? 159 HOH B O     1 
HETATM 532 O  O     . HOH G 4 .  ? 8.720   -7.750  -1.707  1.00 35.39 ? 163 HOH B O     1 
HETATM 533 O  O     . HOH G 4 .  ? -1.778  -11.333 -9.160  1.00 27.96 ? 164 HOH B O     1 
HETATM 534 O  O     . HOH G 4 .  ? 3.225   13.408  1.404   1.00 34.36 ? 166 HOH B O     1 
HETATM 535 O  O     . HOH G 4 .  ? -3.814  -3.592  6.387   1.00 38.64 ? 169 HOH B O     1 
HETATM 536 O  O     . HOH G 4 .  ? -1.734  -7.432  -13.873 1.00 45.21 ? 177 HOH B O     1 
HETATM 537 O  O     . HOH G 4 .  ? -1.779  -13.668 -8.429  1.00 47.28 ? 179 HOH B O     1 
HETATM 538 O  O     . HOH G 4 .  ? 0.896   -3.855  -13.400 1.00 42.64 ? 180 HOH B O     1 
HETATM 539 O  O     . HOH G 4 .  ? -11.420 -2.967  3.331   1.00 45.37 ? 181 HOH B O     1 
HETATM 540 O  O     . HOH G 4 .  ? -5.642  -4.831  -8.217  1.00 42.29 ? 182 HOH B O     1 
HETATM 541 O  O     . HOH G 4 .  ? -0.543  13.757  -0.411  1.00 32.74 ? 186 HOH B O     1 
HETATM 542 O  O     . HOH G 4 .  ? 2.167   -13.067 -12.949 1.00 37.24 ? 187 HOH B O     1 
HETATM 543 O  O     . HOH G 4 .  ? 2.246   13.062  10.676  1.00 52.91 ? 189 HOH B O     1 
HETATM 544 O  O     . HOH G 4 .  ? 1.988   -2.144  -11.957 1.00 49.48 ? 194 HOH B O     1 
HETATM 545 O  O     . HOH G 4 .  ? -1.490  -7.027  4.893   1.00 37.65 ? 196 HOH B O     1 
HETATM 546 O  O     . HOH G 4 .  ? 4.229   -12.797 -14.622 1.00 40.65 ? 197 HOH B O     1 
HETATM 547 O  O     . HOH G 4 .  ? -7.194  -8.730  -8.317  1.00 50.39 ? 198 HOH B O     1 
HETATM 548 O  O     . HOH G 4 .  ? 1.253   2.718   10.417  1.00 47.05 ? 203 HOH B O     1 
HETATM 549 O  O     . HOH G 4 .  ? 9.784   18.167  5.672   1.00 35.57 ? 205 HOH B O     1 
HETATM 550 O  O     . HOH G 4 .  ? -9.512  -10.802 -4.494  1.00 50.01 ? 207 HOH B O     1 
HETATM 551 O  O     . HOH G 4 .  ? 7.045   -15.281 -12.035 1.00 27.15 ? 212 HOH B O     1 
HETATM 552 O  O     . HOH G 4 .  ? 8.694   -7.498  -4.273  1.00 47.70 ? 216 HOH B O     1 
HETATM 553 O  O     . HOH G 4 .  ? -6.648  -10.084 -6.050  1.00 57.93 ? 218 HOH B O     1 
HETATM 554 O  O     . HOH G 4 .  ? 2.364   -5.476  -16.226 0.50 43.47 ? 219 HOH B O     1 
HETATM 555 O  O     . HOH G 4 .  ? 7.091   10.050  1.662   1.00 55.02 ? 220 HOH B O     1 
HETATM 556 O  O     . HOH G 4 .  ? 10.074  9.493   8.821   1.00 51.96 ? 222 HOH B O     1 
HETATM 557 O  O     . HOH G 4 .  ? 8.046   -12.319 -3.284  1.00 49.21 ? 223 HOH B O     1 
HETATM 558 O  O     . HOH G 4 .  ? 8.102   18.354  9.007   1.00 58.73 ? 226 HOH B O     1 
HETATM 559 O  O     . HOH G 4 .  ? 6.308   4.654   6.577   1.00 51.65 ? 227 HOH B O     1 
# 
